data_9C9B
#
_entry.id   9C9B
#
_cell.length_a   68.520
_cell.length_b   76.720
_cell.length_c   123.340
_cell.angle_alpha   90.00
_cell.angle_beta   90.00
_cell.angle_gamma   90.00
#
_symmetry.space_group_name_H-M   'P 21 21 21'
#
loop_
_entity.id
_entity.type
_entity.pdbx_description
1 polymer AprG
2 non-polymer N-(2-hydroxyethyl)acetamide
3 non-polymer 'ACETATE ION'
4 non-polymer '(1R,2R,3S,4R,6S)-4,6-diamino-2,3-dihydroxycyclohexyl 7-acetamido-2-amino-2,3,7-trideoxy-L-glycero-alpha-D-allo-octopyranoside'
5 water water
#
_entity_poly.entity_id   1
_entity_poly.type   'polypeptide(L)'
_entity_poly.pdbx_seq_one_letter_code
;LSGNSPHELKNAAQRAADWLVERQRPNGALPSRTAVIESCYKGMWALHTAGHTQAASAVADYVTSLLQPDGDIPQPREER
YFLDVHYLYANGYLTIGAHVLGRFGLSRKLMSFVETMRNPATGGFRSHGPAIPGDGRCDSVSTSISGLAALYTGRVDTAR
SAADFLGSLWVGQPDRKNVFHAVADASGAVLTSDDAVAVQVRKAEGDWYFIGLPAFFLTALYEATEDRAYLDLATDLMTY
MDEDCDEDAFVDSSCGKAGVAAALLYRLTGRPRYREIAEGIGTLLCERQSPYGYWSEEETGDVADLFWGDLDMTAEYVLW
LDLIGRNLASGERVWAGKR
;
_entity_poly.pdbx_strand_id   A,B
#
# COMPACT_ATOMS: atom_id res chain seq x y z
N GLY A 3 24.60 16.37 -4.78
CA GLY A 3 23.64 16.32 -3.68
C GLY A 3 23.76 15.07 -2.84
N ASN A 4 22.69 14.72 -2.14
CA ASN A 4 22.67 13.55 -1.27
C ASN A 4 22.15 12.34 -2.03
N SER A 5 22.64 11.16 -1.62
CA SER A 5 22.28 9.91 -2.28
C SER A 5 20.90 9.45 -1.83
N PRO A 6 20.25 8.57 -2.60
CA PRO A 6 18.98 8.00 -2.13
C PRO A 6 19.05 7.39 -0.74
N HIS A 7 20.16 6.72 -0.41
CA HIS A 7 20.29 6.17 0.93
CA HIS A 7 20.31 6.17 0.94
C HIS A 7 20.28 7.27 1.99
N GLU A 8 20.94 8.39 1.71
CA GLU A 8 20.97 9.49 2.68
C GLU A 8 19.59 10.14 2.82
N LEU A 9 18.84 10.28 1.72
CA LEU A 9 17.48 10.79 1.83
C LEU A 9 16.63 9.88 2.71
N LYS A 10 16.77 8.56 2.53
CA LYS A 10 15.99 7.63 3.33
C LYS A 10 16.40 7.67 4.80
N ASN A 11 17.71 7.82 5.07
CA ASN A 11 18.16 7.91 6.45
C ASN A 11 17.49 9.10 7.17
N ALA A 12 17.38 10.23 6.48
CA ALA A 12 16.71 11.39 7.07
C ALA A 12 15.24 11.08 7.35
N ALA A 13 14.56 10.46 6.39
CA ALA A 13 13.16 10.09 6.59
C ALA A 13 13.00 9.17 7.79
N GLN A 14 13.91 8.21 7.94
CA GLN A 14 13.80 7.24 9.02
C GLN A 14 14.00 7.90 10.38
N ARG A 15 14.94 8.85 10.48
CA ARG A 15 15.14 9.51 11.77
C ARG A 15 13.93 10.35 12.15
N ALA A 16 13.27 10.97 11.17
CA ALA A 16 12.06 11.72 11.46
C ALA A 16 10.92 10.81 11.87
N ALA A 17 10.78 9.66 11.20
CA ALA A 17 9.73 8.72 11.58
C ALA A 17 9.96 8.22 13.00
N ASP A 18 11.22 7.91 13.34
CA ASP A 18 11.54 7.52 14.71
C ASP A 18 11.16 8.61 15.70
N TRP A 19 11.47 9.87 15.38
CA TRP A 19 11.12 10.98 16.25
C TRP A 19 9.61 11.02 16.51
N LEU A 20 8.81 10.82 15.45
CA LEU A 20 7.35 10.84 15.59
C LEU A 20 6.86 9.69 16.45
N VAL A 21 7.38 8.48 16.22
CA VAL A 21 6.87 7.30 16.93
C VAL A 21 7.24 7.37 18.41
N GLU A 22 8.43 7.90 18.71
CA GLU A 22 8.85 8.05 20.11
C GLU A 22 7.86 8.87 20.91
N ARG A 23 7.14 9.78 20.24
CA ARG A 23 6.26 10.74 20.90
C ARG A 23 4.79 10.46 20.64
N GLN A 24 4.47 9.38 19.93
CA GLN A 24 3.08 9.07 19.65
C GLN A 24 2.31 8.78 20.93
N ARG A 25 1.08 9.27 20.99
CA ARG A 25 0.25 9.12 22.18
C ARG A 25 -0.39 7.73 22.23
N PRO A 26 -0.84 7.28 23.41
CA PRO A 26 -1.38 5.92 23.51
C PRO A 26 -2.57 5.66 22.62
N ASN A 27 -3.40 6.67 22.33
CA ASN A 27 -4.54 6.49 21.43
C ASN A 27 -4.17 6.47 19.97
N GLY A 28 -2.89 6.68 19.63
CA GLY A 28 -2.44 6.70 18.26
C GLY A 28 -2.22 8.07 17.67
N ALA A 29 -2.68 9.13 18.35
CA ALA A 29 -2.50 10.48 17.83
C ALA A 29 -1.01 10.84 17.79
N LEU A 30 -0.62 11.57 16.77
CA LEU A 30 0.73 12.06 16.69
C LEU A 30 0.86 13.29 17.59
N PRO A 31 2.10 13.65 18.00
CA PRO A 31 2.27 14.68 19.06
C PRO A 31 2.10 16.13 18.63
N SER A 32 0.84 16.51 18.42
CA SER A 32 0.44 17.85 18.02
C SER A 32 0.05 18.67 19.25
N ARG A 33 0.40 19.96 19.22
CA ARG A 33 -0.07 20.85 20.29
C ARG A 33 -1.56 21.13 20.21
N THR A 34 -2.22 20.81 19.10
CA THR A 34 -3.66 20.89 19.00
C THR A 34 -4.19 19.60 18.39
N ALA A 35 -5.26 19.06 18.97
CA ALA A 35 -5.88 17.83 18.47
C ALA A 35 -6.72 18.17 17.23
N VAL A 36 -6.11 18.10 16.05
CA VAL A 36 -6.80 18.40 14.80
C VAL A 36 -6.37 17.39 13.75
N ILE A 37 -7.30 17.03 12.86
CA ILE A 37 -6.99 16.04 11.84
C ILE A 37 -5.89 16.54 10.91
N GLU A 38 -5.79 17.85 10.70
CA GLU A 38 -4.75 18.37 9.82
C GLU A 38 -3.35 18.24 10.42
N SER A 39 -3.24 17.78 11.66
CA SER A 39 -1.94 17.50 12.24
C SER A 39 -1.38 16.12 11.91
N CYS A 40 -2.23 15.18 11.45
CA CYS A 40 -1.79 13.80 11.33
C CYS A 40 -2.34 13.07 10.11
N TYR A 41 -2.95 13.77 9.16
CA TYR A 41 -3.59 13.09 8.04
C TYR A 41 -2.59 12.32 7.16
N LYS A 42 -1.33 12.75 7.09
CA LYS A 42 -0.32 12.02 6.34
C LYS A 42 0.34 10.91 7.16
N GLY A 43 -0.04 10.75 8.43
CA GLY A 43 0.69 9.88 9.33
C GLY A 43 0.64 8.40 8.98
N MET A 44 -0.54 7.88 8.61
CA MET A 44 -0.65 6.46 8.27
C MET A 44 0.29 6.11 7.12
N TRP A 45 0.22 6.89 6.04
CA TRP A 45 1.03 6.58 4.86
C TRP A 45 2.51 6.80 5.14
N ALA A 46 2.86 7.93 5.77
CA ALA A 46 4.26 8.21 6.05
C ALA A 46 4.87 7.13 6.95
N LEU A 47 4.17 6.77 8.02
CA LEU A 47 4.76 5.83 8.96
C LEU A 47 4.85 4.43 8.37
N HIS A 48 3.87 4.05 7.54
CA HIS A 48 3.94 2.77 6.86
C HIS A 48 5.16 2.73 5.93
N THR A 49 5.39 3.81 5.19
CA THR A 49 6.55 3.82 4.29
CA THR A 49 6.54 3.86 4.29
C THR A 49 7.86 3.71 5.06
N ALA A 50 7.89 4.18 6.31
CA ALA A 50 9.09 4.05 7.12
C ALA A 50 9.20 2.70 7.82
N GLY A 51 8.26 1.79 7.59
CA GLY A 51 8.29 0.51 8.26
C GLY A 51 7.68 0.50 9.65
N HIS A 52 7.17 1.63 10.11
CA HIS A 52 6.59 1.73 11.45
C HIS A 52 5.10 1.39 11.38
N THR A 53 4.84 0.10 11.12
CA THR A 53 3.49 -0.33 10.80
C THR A 53 2.59 -0.38 12.04
N GLN A 54 3.17 -0.64 13.22
CA GLN A 54 2.34 -0.59 14.42
C GLN A 54 1.96 0.84 14.73
N ALA A 55 2.89 1.79 14.54
CA ALA A 55 2.55 3.18 14.74
C ALA A 55 1.56 3.66 13.68
N ALA A 56 1.72 3.21 12.43
CA ALA A 56 0.78 3.57 11.39
C ALA A 56 -0.61 3.02 11.68
N SER A 57 -0.67 1.77 12.15
CA SER A 57 -1.96 1.18 12.51
C SER A 57 -2.58 1.90 13.71
N ALA A 58 -1.74 2.40 14.63
CA ALA A 58 -2.25 3.20 15.74
C ALA A 58 -2.87 4.51 15.26
N VAL A 59 -2.25 5.17 14.26
CA VAL A 59 -2.90 6.32 13.66
C VAL A 59 -4.23 5.90 13.04
N ALA A 60 -4.25 4.74 12.37
CA ALA A 60 -5.51 4.24 11.80
C ALA A 60 -6.57 4.05 12.89
N ASP A 61 -6.17 3.56 14.06
CA ASP A 61 -7.11 3.41 15.16
C ASP A 61 -7.65 4.76 15.59
N TYR A 62 -6.78 5.76 15.70
CA TYR A 62 -7.20 7.11 16.07
C TYR A 62 -8.15 7.68 15.03
N VAL A 63 -7.77 7.55 13.76
CA VAL A 63 -8.61 8.06 12.68
C VAL A 63 -9.97 7.35 12.67
N THR A 64 -9.96 6.03 12.89
CA THR A 64 -11.21 5.27 12.93
C THR A 64 -12.12 5.77 14.05
N SER A 65 -11.55 6.16 15.19
CA SER A 65 -12.33 6.68 16.30
C SER A 65 -13.02 8.01 15.97
N LEU A 66 -12.54 8.75 14.98
CA LEU A 66 -13.16 10.00 14.56
C LEU A 66 -14.13 9.83 13.40
N LEU A 67 -14.13 8.67 12.76
CA LEU A 67 -14.88 8.48 11.53
C LEU A 67 -16.39 8.56 11.77
N GLN A 68 -17.08 9.30 10.93
CA GLN A 68 -18.51 9.49 11.06
C GLN A 68 -19.24 8.52 10.13
N PRO A 69 -20.55 8.32 10.35
CA PRO A 69 -21.28 7.34 9.54
C PRO A 69 -21.23 7.60 8.05
N ASP A 70 -21.09 8.85 7.60
CA ASP A 70 -21.03 9.12 6.17
C ASP A 70 -19.64 8.94 5.58
N GLY A 71 -18.65 8.54 6.38
CA GLY A 71 -17.30 8.33 5.91
C GLY A 71 -16.39 9.53 5.96
N ASP A 72 -16.87 10.65 6.48
CA ASP A 72 -16.06 11.86 6.60
C ASP A 72 -15.48 11.96 8.02
N ILE A 73 -14.45 12.78 8.14
CA ILE A 73 -13.91 13.23 9.43
C ILE A 73 -14.07 14.75 9.43
N PRO A 74 -15.25 15.26 9.78
CA PRO A 74 -15.47 16.72 9.73
C PRO A 74 -14.82 17.46 10.87
N GLN A 75 -14.50 16.77 11.96
CA GLN A 75 -13.93 17.35 13.15
C GLN A 75 -12.97 16.34 13.74
N PRO A 76 -11.91 16.77 14.43
CA PRO A 76 -11.58 18.17 14.71
C PRO A 76 -10.83 18.83 13.54
N ARG A 77 -11.29 20.00 13.11
CA ARG A 77 -10.62 20.80 12.09
C ARG A 77 -10.64 22.25 12.53
N GLU A 78 -9.52 22.94 12.36
CA GLU A 78 -9.45 24.35 12.71
CA GLU A 78 -9.44 24.35 12.72
C GLU A 78 -8.91 25.24 11.60
N GLU A 79 -7.93 24.76 10.85
CA GLU A 79 -7.28 25.60 9.84
C GLU A 79 -8.20 25.83 8.64
N ARG A 80 -8.34 27.09 8.25
CA ARG A 80 -9.27 27.45 7.18
C ARG A 80 -8.99 26.70 5.88
N TYR A 81 -7.71 26.44 5.59
CA TYR A 81 -7.40 25.71 4.34
C TYR A 81 -8.01 24.33 4.35
N PHE A 82 -8.25 23.75 5.52
CA PHE A 82 -8.89 22.46 5.61
C PHE A 82 -10.40 22.55 5.81
N LEU A 83 -10.96 23.74 5.62
CA LEU A 83 -12.40 23.96 5.68
C LEU A 83 -12.97 24.39 4.34
N ASP A 84 -12.42 25.44 3.73
CA ASP A 84 -12.98 25.94 2.48
C ASP A 84 -11.98 26.16 1.36
N VAL A 85 -10.71 25.79 1.54
CA VAL A 85 -9.75 25.89 0.44
C VAL A 85 -9.53 24.51 -0.17
N HIS A 86 -9.16 23.54 0.67
CA HIS A 86 -9.03 22.15 0.20
C HIS A 86 -9.41 21.19 1.33
N TYR A 87 -10.70 21.16 1.63
CA TYR A 87 -11.23 20.32 2.70
C TYR A 87 -10.76 18.88 2.55
N LEU A 88 -10.86 18.34 1.34
CA LEU A 88 -10.55 16.94 1.08
C LEU A 88 -9.06 16.63 1.10
N TYR A 89 -8.19 17.63 1.27
CA TYR A 89 -6.77 17.31 1.36
C TYR A 89 -6.49 16.33 2.50
N ALA A 90 -7.14 16.52 3.66
CA ALA A 90 -7.01 15.54 4.73
C ALA A 90 -7.52 14.17 4.30
N ASN A 91 -8.75 14.13 3.76
CA ASN A 91 -9.39 12.86 3.42
C ASN A 91 -8.57 12.05 2.43
N GLY A 92 -7.89 12.72 1.50
CA GLY A 92 -7.17 12.01 0.45
C GLY A 92 -6.00 11.20 0.98
N TYR A 93 -5.17 11.82 1.84
CA TYR A 93 -4.07 11.06 2.43
C TYR A 93 -4.58 10.02 3.41
N LEU A 94 -5.66 10.31 4.12
CA LEU A 94 -6.22 9.30 5.01
C LEU A 94 -6.65 8.06 4.22
N THR A 95 -7.26 8.26 3.06
CA THR A 95 -7.70 7.13 2.25
C THR A 95 -6.51 6.31 1.78
N ILE A 96 -5.49 6.98 1.24
CA ILE A 96 -4.31 6.27 0.75
C ILE A 96 -3.64 5.48 1.86
N GLY A 97 -3.39 6.15 3.01
CA GLY A 97 -2.72 5.48 4.10
C GLY A 97 -3.50 4.28 4.63
N ALA A 98 -4.82 4.43 4.77
CA ALA A 98 -5.65 3.32 5.20
C ALA A 98 -5.58 2.16 4.21
N HIS A 99 -5.66 2.46 2.90
CA HIS A 99 -5.67 1.40 1.91
C HIS A 99 -4.36 0.63 1.87
N VAL A 100 -3.22 1.34 1.87
CA VAL A 100 -1.94 0.64 1.80
C VAL A 100 -1.70 -0.21 3.05
N LEU A 101 -2.28 0.17 4.20
CA LEU A 101 -2.23 -0.65 5.40
C LEU A 101 -3.17 -1.85 5.34
N GLY A 102 -4.00 -1.95 4.31
CA GLY A 102 -5.00 -2.99 4.28
C GLY A 102 -6.18 -2.77 5.20
N ARG A 103 -6.36 -1.55 5.72
CA ARG A 103 -7.57 -1.18 6.47
C ARG A 103 -8.68 -0.90 5.46
N PHE A 104 -9.18 -1.98 4.86
CA PHE A 104 -10.03 -1.83 3.68
C PHE A 104 -11.41 -1.28 4.01
N GLY A 105 -11.90 -1.52 5.23
CA GLY A 105 -13.15 -0.92 5.62
C GLY A 105 -13.01 0.59 5.77
N LEU A 106 -11.91 1.02 6.39
CA LEU A 106 -11.66 2.44 6.55
C LEU A 106 -11.45 3.12 5.20
N SER A 107 -10.67 2.50 4.32
CA SER A 107 -10.39 3.12 3.03
C SER A 107 -11.63 3.18 2.16
N ARG A 108 -12.46 2.13 2.16
CA ARG A 108 -13.70 2.17 1.39
C ARG A 108 -14.62 3.28 1.88
N LYS A 109 -14.78 3.39 3.20
CA LYS A 109 -15.70 4.40 3.73
C LYS A 109 -15.19 5.80 3.43
N LEU A 110 -13.89 6.02 3.62
CA LEU A 110 -13.32 7.33 3.35
C LEU A 110 -13.45 7.69 1.88
N MET A 111 -13.11 6.75 1.00
CA MET A 111 -13.13 7.03 -0.43
C MET A 111 -14.55 7.23 -0.93
N SER A 112 -15.51 6.46 -0.40
CA SER A 112 -16.89 6.67 -0.79
C SER A 112 -17.39 8.06 -0.40
N PHE A 113 -16.96 8.60 0.74
CA PHE A 113 -17.32 9.98 1.05
C PHE A 113 -16.65 10.96 0.08
N VAL A 114 -15.36 10.75 -0.20
CA VAL A 114 -14.65 11.60 -1.15
C VAL A 114 -15.43 11.73 -2.45
N GLU A 115 -15.99 10.60 -2.93
CA GLU A 115 -16.70 10.63 -4.20
C GLU A 115 -17.97 11.46 -4.15
N THR A 116 -18.58 11.63 -2.96
CA THR A 116 -19.77 12.47 -2.86
C THR A 116 -19.47 13.96 -3.12
N MET A 117 -18.20 14.37 -3.00
CA MET A 117 -17.84 15.76 -3.24
C MET A 117 -17.32 15.98 -4.66
N ARG A 118 -17.40 14.96 -5.51
CA ARG A 118 -17.01 15.09 -6.90
CA ARG A 118 -17.00 15.10 -6.90
C ARG A 118 -18.09 15.81 -7.69
N ASN A 119 -17.68 16.70 -8.58
CA ASN A 119 -18.60 17.39 -9.47
C ASN A 119 -18.72 16.51 -10.71
N PRO A 120 -19.89 15.91 -10.99
CA PRO A 120 -19.96 14.96 -12.11
C PRO A 120 -19.89 15.62 -13.47
N ALA A 121 -20.08 16.94 -13.55
CA ALA A 121 -19.99 17.63 -14.82
C ALA A 121 -18.54 17.92 -15.21
N THR A 122 -17.67 18.22 -14.24
CA THR A 122 -16.32 18.65 -14.53
C THR A 122 -15.24 17.67 -14.08
N GLY A 123 -15.54 16.75 -13.15
CA GLY A 123 -14.52 15.91 -12.59
C GLY A 123 -13.73 16.53 -11.46
N GLY A 124 -13.94 17.81 -11.17
CA GLY A 124 -13.31 18.43 -10.03
C GLY A 124 -13.95 18.00 -8.71
N PHE A 125 -13.23 18.25 -7.63
CA PHE A 125 -13.70 17.97 -6.28
C PHE A 125 -13.91 19.27 -5.52
N ARG A 126 -15.05 19.38 -4.84
CA ARG A 126 -15.44 20.60 -4.16
CA ARG A 126 -15.44 20.60 -4.16
C ARG A 126 -14.44 20.97 -3.06
N SER A 127 -14.14 22.27 -2.97
CA SER A 127 -13.14 22.79 -2.03
C SER A 127 -13.63 22.87 -0.59
N HIS A 128 -14.93 22.98 -0.36
CA HIS A 128 -15.49 23.20 0.97
C HIS A 128 -16.29 21.97 1.39
N GLY A 129 -16.20 21.61 2.66
CA GLY A 129 -16.85 20.42 3.17
C GLY A 129 -18.34 20.63 3.40
N PRO A 130 -19.01 19.53 3.71
CA PRO A 130 -20.48 19.58 3.87
C PRO A 130 -20.98 20.60 4.87
N ALA A 131 -20.29 20.79 5.99
CA ALA A 131 -20.74 21.73 7.01
C ALA A 131 -20.26 23.15 6.75
N ILE A 132 -19.52 23.37 5.69
CA ILE A 132 -18.94 24.68 5.36
C ILE A 132 -19.72 25.23 4.14
N PRO A 133 -20.45 26.32 4.29
CA PRO A 133 -21.16 26.88 3.14
C PRO A 133 -20.17 27.33 2.07
N GLY A 134 -20.55 27.10 0.81
CA GLY A 134 -19.68 27.45 -0.30
C GLY A 134 -20.46 27.48 -1.59
N ASP A 135 -19.75 27.86 -2.66
CA ASP A 135 -20.36 28.06 -3.97
C ASP A 135 -20.13 26.89 -4.92
N GLY A 136 -19.57 25.77 -4.45
CA GLY A 136 -19.31 24.66 -5.34
C GLY A 136 -18.01 24.74 -6.10
N ARG A 137 -17.13 25.70 -5.77
CA ARG A 137 -15.86 25.78 -6.46
C ARG A 137 -15.04 24.52 -6.21
N CYS A 138 -14.17 24.19 -7.17
CA CYS A 138 -13.29 23.02 -7.09
C CYS A 138 -11.87 23.47 -7.36
N ASP A 139 -10.91 22.91 -6.64
CA ASP A 139 -9.52 23.37 -6.76
C ASP A 139 -8.59 22.23 -7.16
N SER A 140 -7.39 22.63 -7.59
CA SER A 140 -6.42 21.67 -8.12
C SER A 140 -5.93 20.69 -7.05
N VAL A 141 -5.90 21.08 -5.78
CA VAL A 141 -5.35 20.21 -4.74
C VAL A 141 -6.36 19.18 -4.29
N SER A 142 -7.59 19.62 -3.98
CA SER A 142 -8.66 18.66 -3.66
C SER A 142 -8.80 17.66 -4.79
N THR A 143 -8.72 18.13 -6.02
CA THR A 143 -8.96 17.24 -7.16
C THR A 143 -7.80 16.27 -7.36
N SER A 144 -6.56 16.75 -7.26
CA SER A 144 -5.39 15.89 -7.45
CA SER A 144 -5.42 15.87 -7.47
C SER A 144 -5.28 14.85 -6.35
N ILE A 145 -5.48 15.24 -5.09
CA ILE A 145 -5.35 14.26 -4.01
C ILE A 145 -6.46 13.23 -4.06
N SER A 146 -7.66 13.66 -4.46
CA SER A 146 -8.77 12.73 -4.57
C SER A 146 -8.54 11.78 -5.73
N GLY A 147 -7.99 12.29 -6.83
CA GLY A 147 -7.62 11.43 -7.93
C GLY A 147 -6.54 10.43 -7.52
N LEU A 148 -5.57 10.87 -6.73
CA LEU A 148 -4.52 9.94 -6.31
C LEU A 148 -5.08 8.86 -5.39
N ALA A 149 -5.95 9.26 -4.45
CA ALA A 149 -6.62 8.28 -3.62
C ALA A 149 -7.44 7.32 -4.46
N ALA A 150 -8.07 7.82 -5.52
CA ALA A 150 -8.82 6.95 -6.44
C ALA A 150 -7.90 5.92 -7.07
N LEU A 151 -6.69 6.34 -7.48
CA LEU A 151 -5.80 5.37 -8.08
C LEU A 151 -5.36 4.31 -7.07
N TYR A 152 -5.03 4.70 -5.83
CA TYR A 152 -4.63 3.68 -4.87
C TYR A 152 -5.76 2.71 -4.57
N THR A 153 -7.01 3.19 -4.56
CA THR A 153 -8.16 2.32 -4.28
C THR A 153 -8.73 1.65 -5.51
N GLY A 154 -8.13 1.86 -6.69
CA GLY A 154 -8.57 1.15 -7.89
C GLY A 154 -9.72 1.78 -8.61
N ARG A 155 -10.10 3.00 -8.25
CA ARG A 155 -11.22 3.71 -8.88
C ARG A 155 -10.68 4.57 -10.01
N VAL A 156 -10.23 3.88 -11.06
CA VAL A 156 -9.44 4.53 -12.11
C VAL A 156 -10.28 5.52 -12.92
N ASP A 157 -11.56 5.22 -13.14
CA ASP A 157 -12.42 6.16 -13.87
C ASP A 157 -12.53 7.50 -13.14
N THR A 158 -12.62 7.46 -11.80
CA THR A 158 -12.65 8.69 -11.03
C THR A 158 -11.34 9.45 -11.18
N ALA A 159 -10.23 8.73 -11.19
CA ALA A 159 -8.93 9.38 -11.41
C ALA A 159 -8.86 10.03 -12.79
N ARG A 160 -9.33 9.32 -13.82
CA ARG A 160 -9.29 9.90 -15.16
C ARG A 160 -10.11 11.17 -15.23
N SER A 161 -11.27 11.18 -14.57
CA SER A 161 -12.11 12.37 -14.55
CA SER A 161 -12.11 12.38 -14.57
C SER A 161 -11.43 13.53 -13.82
N ALA A 162 -10.72 13.22 -12.73
CA ALA A 162 -9.96 14.26 -12.04
C ALA A 162 -8.91 14.86 -12.97
N ALA A 163 -8.27 14.02 -13.79
CA ALA A 163 -7.29 14.53 -14.75
C ALA A 163 -7.96 15.43 -15.79
N ASP A 164 -9.18 15.09 -16.20
CA ASP A 164 -9.91 15.95 -17.15
C ASP A 164 -10.08 17.35 -16.57
N PHE A 165 -10.47 17.43 -15.29
CA PHE A 165 -10.63 18.73 -14.65
C PHE A 165 -9.32 19.50 -14.66
N LEU A 166 -8.22 18.83 -14.31
CA LEU A 166 -6.94 19.50 -14.26
C LEU A 166 -6.53 20.01 -15.64
N GLY A 167 -6.85 19.24 -16.69
CA GLY A 167 -6.55 19.71 -18.03
C GLY A 167 -7.33 20.96 -18.38
N SER A 168 -8.62 20.99 -18.02
CA SER A 168 -9.43 22.18 -18.26
C SER A 168 -8.92 23.36 -17.46
N LEU A 169 -8.52 23.14 -16.21
CA LEU A 169 -7.99 24.21 -15.38
C LEU A 169 -6.72 24.80 -15.98
N TRP A 170 -5.84 23.93 -16.51
CA TRP A 170 -4.59 24.39 -17.11
C TRP A 170 -4.86 25.17 -18.39
N VAL A 171 -5.65 24.59 -19.30
CA VAL A 171 -5.90 25.22 -20.59
C VAL A 171 -6.60 26.56 -20.40
N GLY A 172 -7.43 26.68 -19.38
CA GLY A 172 -8.25 27.85 -19.13
C GLY A 172 -7.58 29.00 -18.39
N GLN A 173 -6.31 28.87 -18.03
CA GLN A 173 -5.64 29.93 -17.29
C GLN A 173 -5.69 31.23 -18.10
N PRO A 174 -6.16 32.33 -17.50
CA PRO A 174 -6.20 33.60 -18.27
C PRO A 174 -4.88 34.32 -18.38
N ASP A 175 -3.93 34.10 -17.46
CA ASP A 175 -2.70 34.90 -17.41
C ASP A 175 -1.58 34.08 -16.77
N ARG A 176 -1.27 32.93 -17.37
CA ARG A 176 -0.41 31.95 -16.71
C ARG A 176 1.01 32.46 -16.48
N LYS A 177 1.49 33.40 -17.29
CA LYS A 177 2.83 33.92 -17.06
C LYS A 177 2.96 34.69 -15.76
N ASN A 178 1.85 35.18 -15.20
CA ASN A 178 1.89 35.97 -13.97
C ASN A 178 1.20 35.32 -12.79
N VAL A 179 0.18 34.50 -13.00
CA VAL A 179 -0.58 33.93 -11.90
C VAL A 179 -1.11 32.57 -12.33
N PHE A 180 -1.08 31.62 -11.41
CA PHE A 180 -1.77 30.36 -11.60
C PHE A 180 -3.00 30.38 -10.68
N HIS A 181 -4.18 30.42 -11.29
CA HIS A 181 -5.43 30.40 -10.53
C HIS A 181 -5.82 28.94 -10.36
N ALA A 182 -5.78 28.46 -9.11
CA ALA A 182 -5.88 27.04 -8.83
C ALA A 182 -7.31 26.57 -8.64
N VAL A 183 -8.30 27.46 -8.80
CA VAL A 183 -9.69 27.17 -8.48
C VAL A 183 -10.56 27.42 -9.70
N ALA A 184 -11.55 26.56 -9.91
CA ALA A 184 -12.56 26.76 -10.92
C ALA A 184 -13.92 26.83 -10.27
N ASP A 185 -14.86 27.49 -10.93
CA ASP A 185 -16.24 27.47 -10.46
C ASP A 185 -16.86 26.10 -10.72
N ALA A 186 -18.12 25.93 -10.29
CA ALA A 186 -18.79 24.65 -10.44
C ALA A 186 -18.97 24.23 -11.89
N SER A 187 -18.90 25.18 -12.83
CA SER A 187 -18.99 24.86 -14.25
C SER A 187 -17.62 24.58 -14.87
N GLY A 188 -16.54 24.81 -14.13
CA GLY A 188 -15.20 24.58 -14.63
C GLY A 188 -14.49 25.80 -15.16
N ALA A 189 -15.10 26.98 -15.13
CA ALA A 189 -14.41 28.20 -15.52
C ALA A 189 -13.43 28.61 -14.43
N VAL A 190 -12.24 29.02 -14.84
CA VAL A 190 -11.21 29.41 -13.87
C VAL A 190 -11.69 30.62 -13.06
N LEU A 191 -11.50 30.55 -11.74
CA LEU A 191 -11.94 31.60 -10.83
C LEU A 191 -10.80 32.56 -10.56
N THR A 192 -11.05 33.86 -10.75
CA THR A 192 -10.02 34.87 -10.54
C THR A 192 -10.34 35.85 -9.42
N SER A 193 -11.39 35.60 -8.64
CA SER A 193 -11.73 36.47 -7.53
C SER A 193 -10.64 36.43 -6.46
N ASP A 194 -10.60 37.48 -5.64
CA ASP A 194 -9.59 37.56 -4.59
C ASP A 194 -9.68 36.43 -3.58
N ASP A 195 -10.89 35.87 -3.39
CA ASP A 195 -11.07 34.81 -2.41
C ASP A 195 -10.71 33.43 -2.94
N ALA A 196 -10.20 33.31 -4.15
CA ALA A 196 -9.82 32.03 -4.74
C ALA A 196 -8.31 31.93 -4.81
N VAL A 197 -7.77 30.77 -4.40
CA VAL A 197 -6.33 30.58 -4.35
C VAL A 197 -5.70 30.92 -5.68
N ALA A 198 -4.65 31.76 -5.63
CA ALA A 198 -3.84 32.08 -6.79
C ALA A 198 -2.38 32.01 -6.36
N VAL A 199 -1.55 31.45 -7.23
CA VAL A 199 -0.11 31.38 -7.00
C VAL A 199 0.51 32.51 -7.83
N GLN A 200 1.21 33.41 -7.16
CA GLN A 200 1.91 34.49 -7.86
C GLN A 200 3.22 33.91 -8.36
N VAL A 201 3.20 33.43 -9.61
CA VAL A 201 4.29 32.59 -10.10
C VAL A 201 5.59 33.35 -10.32
N ARG A 202 5.57 34.68 -10.32
CA ARG A 202 6.79 35.48 -10.42
C ARG A 202 7.25 36.03 -9.08
N LYS A 203 6.66 35.54 -7.98
CA LYS A 203 7.03 35.92 -6.63
C LYS A 203 7.49 34.69 -5.87
N ALA A 204 8.09 34.92 -4.70
CA ALA A 204 8.56 33.83 -3.87
C ALA A 204 7.69 33.68 -2.64
N GLU A 205 6.39 33.41 -2.84
CA GLU A 205 5.41 33.44 -1.77
C GLU A 205 4.69 32.11 -1.53
N GLY A 206 5.20 31.01 -2.06
CA GLY A 206 4.67 29.70 -1.68
C GLY A 206 3.41 29.26 -2.42
N ASP A 207 2.74 28.28 -1.82
CA ASP A 207 1.57 27.60 -2.37
C ASP A 207 1.84 26.91 -3.71
N TRP A 208 3.10 26.59 -3.97
CA TRP A 208 3.48 25.95 -5.22
C TRP A 208 2.85 24.57 -5.36
N TYR A 209 2.44 23.94 -4.26
CA TYR A 209 1.86 22.60 -4.34
C TYR A 209 0.54 22.58 -5.09
N PHE A 210 -0.10 23.73 -5.27
CA PHE A 210 -1.28 23.79 -6.13
C PHE A 210 -0.95 23.46 -7.58
N ILE A 211 0.33 23.54 -7.96
CA ILE A 211 0.82 23.06 -9.25
C ILE A 211 1.57 21.74 -9.11
N GLY A 212 2.38 21.60 -8.06
CA GLY A 212 3.20 20.42 -7.90
C GLY A 212 2.41 19.15 -7.65
N LEU A 213 1.36 19.22 -6.82
CA LEU A 213 0.56 18.03 -6.57
C LEU A 213 -0.15 17.55 -7.83
N PRO A 214 -0.78 18.42 -8.64
CA PRO A 214 -1.28 17.94 -9.94
C PRO A 214 -0.22 17.24 -10.76
N ALA A 215 1.01 17.78 -10.79
CA ALA A 215 2.07 17.12 -11.57
C ALA A 215 2.33 15.70 -11.07
N PHE A 216 2.39 15.52 -9.75
CA PHE A 216 2.61 14.19 -9.18
C PHE A 216 1.46 13.26 -9.52
N PHE A 217 0.23 13.68 -9.25
CA PHE A 217 -0.94 12.84 -9.55
C PHE A 217 -0.99 12.44 -11.03
N LEU A 218 -0.81 13.41 -11.93
CA LEU A 218 -0.91 13.09 -13.35
C LEU A 218 0.17 12.10 -13.78
N THR A 219 1.37 12.22 -13.21
CA THR A 219 2.43 11.26 -13.52
C THR A 219 2.04 9.86 -13.05
N ALA A 220 1.49 9.75 -11.84
CA ALA A 220 1.04 8.45 -11.35
C ALA A 220 -0.07 7.89 -12.21
N LEU A 221 -0.98 8.75 -12.68
CA LEU A 221 -2.04 8.30 -13.57
C LEU A 221 -1.49 7.81 -14.89
N TYR A 222 -0.48 8.51 -15.42
CA TYR A 222 0.21 8.01 -16.61
C TYR A 222 0.83 6.64 -16.33
N GLU A 223 1.51 6.49 -15.20
CA GLU A 223 2.07 5.18 -14.89
C GLU A 223 0.99 4.10 -14.89
N ALA A 224 -0.20 4.43 -14.36
CA ALA A 224 -1.28 3.46 -14.21
C ALA A 224 -1.92 3.10 -15.55
N THR A 225 -1.94 4.03 -16.51
CA THR A 225 -2.73 3.86 -17.73
C THR A 225 -1.91 3.87 -19.00
N GLU A 226 -0.72 4.44 -18.97
CA GLU A 226 0.10 4.65 -20.17
CA GLU A 226 0.10 4.68 -20.15
C GLU A 226 -0.57 5.56 -21.20
N ASP A 227 -1.56 6.35 -20.78
CA ASP A 227 -2.23 7.33 -21.64
C ASP A 227 -1.35 8.58 -21.69
N ARG A 228 -0.76 8.85 -22.86
CA ARG A 228 0.22 9.91 -22.94
C ARG A 228 -0.38 11.30 -22.71
N ALA A 229 -1.70 11.47 -22.83
CA ALA A 229 -2.29 12.76 -22.49
C ALA A 229 -1.94 13.16 -21.06
N TYR A 230 -1.87 12.20 -20.15
CA TYR A 230 -1.57 12.53 -18.76
C TYR A 230 -0.10 12.86 -18.57
N LEU A 231 0.78 12.13 -19.26
CA LEU A 231 2.20 12.46 -19.24
C LEU A 231 2.45 13.85 -19.81
N ASP A 232 1.73 14.20 -20.89
CA ASP A 232 1.93 15.50 -21.52
C ASP A 232 1.55 16.63 -20.57
N LEU A 233 0.44 16.47 -19.86
CA LEU A 233 0.01 17.52 -18.93
C LEU A 233 0.97 17.64 -17.76
N ALA A 234 1.39 16.50 -17.20
CA ALA A 234 2.40 16.53 -16.14
C ALA A 234 3.66 17.22 -16.60
N THR A 235 4.11 16.88 -17.82
CA THR A 235 5.26 17.49 -18.46
C THR A 235 5.10 19.00 -18.57
N ASP A 236 3.93 19.44 -19.06
CA ASP A 236 3.69 20.87 -19.22
C ASP A 236 3.75 21.59 -17.88
N LEU A 237 3.24 20.96 -16.81
CA LEU A 237 3.27 21.60 -15.50
C LEU A 237 4.68 21.67 -14.95
N MET A 238 5.48 20.62 -15.15
CA MET A 238 6.87 20.68 -14.71
CA MET A 238 6.86 20.69 -14.69
C MET A 238 7.65 21.74 -15.47
N THR A 239 7.41 21.84 -16.78
CA THR A 239 8.08 22.87 -17.58
C THR A 239 7.70 24.26 -17.11
N TYR A 240 6.41 24.46 -16.83
CA TYR A 240 5.91 25.71 -16.28
C TYR A 240 6.64 26.07 -14.98
N MET A 241 6.75 25.09 -14.07
CA MET A 241 7.41 25.39 -12.80
C MET A 241 8.89 25.67 -12.98
N ASP A 242 9.55 24.96 -13.90
CA ASP A 242 10.98 25.10 -14.09
C ASP A 242 11.34 26.39 -14.82
N GLU A 243 10.52 26.81 -15.77
CA GLU A 243 10.92 27.88 -16.68
C GLU A 243 10.13 29.17 -16.55
N ASP A 244 8.86 29.09 -16.17
CA ASP A 244 8.02 30.27 -16.05
C ASP A 244 7.79 30.72 -14.61
N CYS A 245 8.10 29.88 -13.62
CA CYS A 245 7.89 30.23 -12.23
C CYS A 245 9.20 30.63 -11.58
N ASP A 246 9.07 31.44 -10.53
CA ASP A 246 10.21 31.82 -9.71
C ASP A 246 10.96 30.59 -9.23
N GLU A 247 12.26 30.76 -8.99
CA GLU A 247 13.08 29.71 -8.39
C GLU A 247 12.47 29.15 -7.12
N ASP A 248 11.63 29.95 -6.43
CA ASP A 248 11.00 29.50 -5.19
C ASP A 248 10.16 28.25 -5.38
N ALA A 249 9.75 27.93 -6.61
CA ALA A 249 8.93 26.76 -6.84
C ALA A 249 9.65 25.47 -6.44
N PHE A 250 10.98 25.46 -6.45
CA PHE A 250 11.75 24.28 -6.06
C PHE A 250 12.51 24.50 -4.75
N VAL A 251 12.15 25.52 -3.96
CA VAL A 251 12.85 25.86 -2.73
CA VAL A 251 12.85 25.76 -2.71
C VAL A 251 11.88 25.96 -1.55
N ASP A 252 10.69 26.48 -1.82
CA ASP A 252 9.69 26.72 -0.78
C ASP A 252 9.35 25.40 -0.06
N SER A 253 8.83 25.54 1.17
CA SER A 253 8.47 24.36 1.95
C SER A 253 7.50 23.43 1.20
N SER A 254 6.74 23.95 0.24
CA SER A 254 5.77 23.13 -0.48
C SER A 254 6.34 22.50 -1.74
N CYS A 255 7.64 22.60 -1.98
CA CYS A 255 8.23 22.10 -3.22
C CYS A 255 8.33 20.58 -3.27
N GLY A 256 8.06 19.88 -2.17
CA GLY A 256 8.21 18.43 -2.15
C GLY A 256 7.33 17.69 -3.15
N LYS A 257 6.15 18.22 -3.42
CA LYS A 257 5.24 17.60 -4.37
C LYS A 257 5.89 17.60 -5.76
N ALA A 258 6.46 18.73 -6.16
CA ALA A 258 7.14 18.81 -7.45
C ALA A 258 8.37 17.92 -7.47
N GLY A 259 9.06 17.82 -6.32
CA GLY A 259 10.21 16.94 -6.23
C GLY A 259 9.84 15.48 -6.43
N VAL A 260 8.73 15.04 -5.82
CA VAL A 260 8.26 13.67 -6.02
C VAL A 260 7.83 13.46 -7.46
N ALA A 261 7.10 14.42 -8.04
CA ALA A 261 6.72 14.32 -9.45
C ALA A 261 7.95 14.19 -10.33
N ALA A 262 8.98 14.99 -10.05
CA ALA A 262 10.20 14.92 -10.85
C ALA A 262 10.90 13.57 -10.71
N ALA A 263 10.95 13.04 -9.48
CA ALA A 263 11.62 11.76 -9.29
C ALA A 263 10.89 10.65 -10.03
N LEU A 264 9.56 10.66 -9.97
CA LEU A 264 8.78 9.65 -10.70
C LEU A 264 8.91 9.83 -12.20
N LEU A 265 8.81 11.07 -12.68
CA LEU A 265 9.01 11.34 -14.11
C LEU A 265 10.38 10.86 -14.56
N TYR A 266 11.41 11.05 -13.73
CA TYR A 266 12.73 10.53 -14.08
C TYR A 266 12.73 9.02 -14.22
N ARG A 267 12.14 8.31 -13.26
CA ARG A 267 12.09 6.85 -13.39
C ARG A 267 11.36 6.44 -14.66
N LEU A 268 10.29 7.15 -15.01
CA LEU A 268 9.47 6.73 -16.14
C LEU A 268 10.07 7.13 -17.49
N THR A 269 10.77 8.28 -17.56
CA THR A 269 11.23 8.84 -18.83
C THR A 269 12.74 8.89 -18.97
N GLY A 270 13.48 8.94 -17.87
CA GLY A 270 14.91 9.09 -17.92
C GLY A 270 15.42 10.49 -18.19
N ARG A 271 14.53 11.48 -18.31
N ARG A 271 14.53 11.48 -18.31
CA ARG A 271 14.94 12.85 -18.64
CA ARG A 271 14.94 12.84 -18.64
C ARG A 271 15.83 13.39 -17.53
C ARG A 271 15.83 13.39 -17.53
N PRO A 272 17.08 13.78 -17.82
CA PRO A 272 17.99 14.21 -16.74
C PRO A 272 17.52 15.41 -15.95
N ARG A 273 16.80 16.35 -16.56
CA ARG A 273 16.35 17.53 -15.82
C ARG A 273 15.48 17.12 -14.64
N TYR A 274 14.68 16.08 -14.80
CA TYR A 274 13.84 15.62 -13.68
C TYR A 274 14.68 15.03 -12.57
N ARG A 275 15.72 14.26 -12.90
CA ARG A 275 16.65 13.79 -11.88
C ARG A 275 17.25 14.97 -11.11
N GLU A 276 17.68 16.00 -11.83
CA GLU A 276 18.28 17.17 -11.19
C GLU A 276 17.30 17.86 -10.25
N ILE A 277 16.06 18.03 -10.70
CA ILE A 277 15.06 18.71 -9.86
C ILE A 277 14.79 17.91 -8.60
N ALA A 278 14.62 16.60 -8.75
CA ALA A 278 14.34 15.74 -7.60
C ALA A 278 15.53 15.69 -6.65
N GLU A 279 16.75 15.56 -7.19
CA GLU A 279 17.95 15.54 -6.35
C GLU A 279 18.09 16.82 -5.55
N GLY A 280 17.88 17.97 -6.19
CA GLY A 280 18.06 19.24 -5.50
C GLY A 280 17.04 19.43 -4.40
N ILE A 281 15.79 19.06 -4.67
CA ILE A 281 14.75 19.19 -3.65
C ILE A 281 15.00 18.22 -2.50
N GLY A 282 15.33 16.97 -2.81
CA GLY A 282 15.63 16.01 -1.75
C GLY A 282 16.78 16.48 -0.87
N THR A 283 17.85 17.00 -1.47
CA THR A 283 18.97 17.50 -0.68
C THR A 283 18.57 18.67 0.19
N LEU A 284 17.78 19.60 -0.37
CA LEU A 284 17.32 20.76 0.38
C LEU A 284 16.52 20.34 1.61
N LEU A 285 15.58 19.41 1.45
CA LEU A 285 14.79 18.98 2.60
C LEU A 285 15.66 18.26 3.62
N CYS A 286 16.56 17.40 3.15
CA CYS A 286 17.51 16.74 4.05
C CYS A 286 18.29 17.77 4.87
N GLU A 287 18.78 18.84 4.22
CA GLU A 287 19.62 19.81 4.91
C GLU A 287 18.84 20.63 5.92
N ARG A 288 17.53 20.78 5.74
CA ARG A 288 16.71 21.54 6.65
C ARG A 288 16.27 20.76 7.89
N GLN A 289 16.52 19.46 7.95
CA GLN A 289 16.05 18.68 9.09
C GLN A 289 16.75 19.14 10.37
N SER A 290 16.00 19.18 11.45
CA SER A 290 16.57 19.47 12.76
C SER A 290 17.50 18.34 13.19
N PRO A 291 18.43 18.62 14.11
CA PRO A 291 19.27 17.55 14.65
C PRO A 291 18.49 16.49 15.39
N TYR A 292 17.30 16.83 15.88
CA TYR A 292 16.49 15.89 16.65
C TYR A 292 15.73 14.92 15.77
N GLY A 293 15.34 15.35 14.57
CA GLY A 293 14.61 14.52 13.64
C GLY A 293 13.40 15.20 13.00
N TYR A 294 12.76 16.12 13.71
CA TYR A 294 11.60 16.81 13.13
C TYR A 294 12.05 17.87 12.14
N TRP A 295 11.07 18.41 11.40
CA TRP A 295 11.27 19.60 10.58
C TRP A 295 10.38 20.72 11.10
N SER A 296 10.94 21.93 11.12
CA SER A 296 10.16 23.12 11.42
C SER A 296 10.97 24.30 10.92
N GLU A 297 10.30 25.32 10.39
CA GLU A 297 11.03 26.50 9.98
C GLU A 297 11.30 27.45 11.16
N GLU A 298 10.74 27.19 12.33
CA GLU A 298 10.94 28.05 13.49
C GLU A 298 11.47 27.33 14.72
N GLU A 299 10.96 26.14 15.01
CA GLU A 299 11.33 25.44 16.24
CA GLU A 299 11.33 25.45 16.24
C GLU A 299 12.78 24.97 16.18
N THR A 300 13.52 25.19 17.28
CA THR A 300 14.91 24.78 17.34
C THR A 300 15.24 23.96 18.57
N GLY A 301 14.28 23.68 19.44
CA GLY A 301 14.55 23.01 20.69
C GLY A 301 14.22 21.52 20.67
N ASP A 302 14.63 20.85 21.75
CA ASP A 302 14.33 19.44 21.94
C ASP A 302 12.94 19.33 22.55
N VAL A 303 11.93 19.41 21.67
CA VAL A 303 10.54 19.51 22.09
C VAL A 303 9.87 18.13 22.07
N ALA A 304 8.82 18.01 22.88
CA ALA A 304 8.03 16.80 22.95
C ALA A 304 6.84 16.82 22.01
N ASP A 305 6.52 17.97 21.43
CA ASP A 305 5.39 18.09 20.50
C ASP A 305 5.66 19.25 19.57
N LEU A 306 4.81 19.40 18.57
CA LEU A 306 4.98 20.43 17.56
C LEU A 306 3.64 21.08 17.27
N PHE A 307 3.71 22.33 16.85
CA PHE A 307 2.58 22.98 16.19
C PHE A 307 2.10 22.08 15.05
N TRP A 308 0.77 22.05 14.84
CA TRP A 308 0.19 21.07 13.93
C TRP A 308 0.84 21.13 12.55
N GLY A 309 1.16 22.33 12.08
CA GLY A 309 1.72 22.46 10.74
C GLY A 309 3.11 21.85 10.62
N ASP A 310 3.90 21.91 11.70
CA ASP A 310 5.20 21.28 11.68
C ASP A 310 5.10 19.77 11.84
N LEU A 311 4.13 19.30 12.61
CA LEU A 311 3.91 17.85 12.67
C LEU A 311 3.51 17.32 11.31
N ASP A 312 2.63 18.05 10.62
CA ASP A 312 2.25 17.67 9.27
C ASP A 312 3.46 17.70 8.33
N MET A 313 4.26 18.77 8.39
CA MET A 313 5.44 18.87 7.54
C MET A 313 6.40 17.73 7.80
N THR A 314 6.58 17.35 9.06
CA THR A 314 7.50 16.28 9.40
C THR A 314 7.06 14.97 8.77
N ALA A 315 5.78 14.62 8.92
CA ALA A 315 5.29 13.40 8.28
C ALA A 315 5.36 13.51 6.76
N GLU A 316 5.08 14.69 6.23
CA GLU A 316 5.11 14.89 4.79
C GLU A 316 6.50 14.64 4.23
N TYR A 317 7.53 15.12 4.91
CA TYR A 317 8.88 14.95 4.40
C TYR A 317 9.39 13.53 4.59
N VAL A 318 8.92 12.79 5.59
CA VAL A 318 9.18 11.36 5.63
C VAL A 318 8.70 10.70 4.34
N LEU A 319 7.48 11.06 3.91
CA LEU A 319 6.91 10.48 2.71
C LEU A 319 7.67 10.95 1.48
N TRP A 320 7.91 12.25 1.35
CA TRP A 320 8.53 12.74 0.12
C TRP A 320 9.97 12.26 -0.02
N LEU A 321 10.74 12.26 1.07
CA LEU A 321 12.11 11.78 0.96
C LEU A 321 12.14 10.31 0.60
N ASP A 322 11.22 9.52 1.17
CA ASP A 322 11.14 8.13 0.77
C ASP A 322 10.82 7.98 -0.71
N LEU A 323 9.80 8.71 -1.19
CA LEU A 323 9.36 8.55 -2.58
C LEU A 323 10.43 9.08 -3.55
N ILE A 324 11.04 10.22 -3.23
CA ILE A 324 12.11 10.72 -4.07
C ILE A 324 13.25 9.71 -4.11
N GLY A 325 13.64 9.20 -2.95
CA GLY A 325 14.77 8.27 -2.89
C GLY A 325 14.52 7.00 -3.68
N ARG A 326 13.34 6.41 -3.54
CA ARG A 326 13.13 5.13 -4.24
C ARG A 326 13.00 5.33 -5.74
N ASN A 327 12.39 6.43 -6.19
CA ASN A 327 12.33 6.67 -7.62
C ASN A 327 13.66 7.07 -8.23
N LEU A 328 14.49 7.83 -7.48
CA LEU A 328 15.83 8.14 -7.97
C LEU A 328 16.68 6.88 -8.06
N ALA A 329 16.61 6.01 -7.06
CA ALA A 329 17.40 4.79 -7.07
C ALA A 329 16.97 3.86 -8.20
N SER A 330 15.66 3.66 -8.36
CA SER A 330 15.20 2.81 -9.46
C SER A 330 15.44 3.48 -10.81
N GLY A 331 15.31 4.80 -10.88
CA GLY A 331 15.60 5.49 -12.13
C GLY A 331 17.04 5.33 -12.55
N GLU A 332 17.97 5.41 -11.59
CA GLU A 332 19.37 5.16 -11.90
CA GLU A 332 19.38 5.17 -11.91
C GLU A 332 19.60 3.75 -12.42
N ARG A 333 18.96 2.76 -11.78
CA ARG A 333 19.11 1.38 -12.23
C ARG A 333 18.61 1.22 -13.67
N VAL A 334 17.50 1.88 -14.00
CA VAL A 334 16.90 1.69 -15.31
C VAL A 334 17.66 2.47 -16.40
N TRP A 335 18.06 3.72 -16.10
CA TRP A 335 18.51 4.65 -17.13
C TRP A 335 20.00 4.96 -17.12
N ALA A 336 20.70 4.72 -16.01
CA ALA A 336 22.10 5.14 -15.92
C ALA A 336 23.07 3.97 -16.07
N ASN B 4 5.77 -13.57 23.03
CA ASN B 4 6.36 -12.29 22.60
C ASN B 4 5.29 -11.23 22.39
N SER B 5 5.66 -9.98 22.66
CA SER B 5 4.77 -8.84 22.47
C SER B 5 4.74 -8.45 21.00
N PRO B 6 3.74 -7.66 20.60
CA PRO B 6 3.72 -7.17 19.21
C PRO B 6 5.00 -6.47 18.79
N HIS B 7 5.58 -5.66 19.67
CA HIS B 7 6.84 -4.99 19.36
C HIS B 7 7.94 -6.02 19.08
N GLU B 8 7.97 -7.10 19.85
CA GLU B 8 8.99 -8.12 19.65
C GLU B 8 8.81 -8.85 18.32
N LEU B 9 7.57 -9.11 17.92
CA LEU B 9 7.34 -9.73 16.62
C LEU B 9 7.87 -8.85 15.50
N LYS B 10 7.63 -7.55 15.61
CA LYS B 10 8.12 -6.61 14.61
C LYS B 10 9.64 -6.52 14.60
N ASN B 11 10.28 -6.53 15.78
CA ASN B 11 11.73 -6.49 15.80
CA ASN B 11 11.74 -6.53 15.85
C ASN B 11 12.32 -7.71 15.09
N ALA B 12 11.69 -8.88 15.21
CA ALA B 12 12.14 -10.06 14.47
C ALA B 12 11.99 -9.85 12.97
N ALA B 13 10.85 -9.30 12.54
CA ALA B 13 10.63 -9.04 11.13
C ALA B 13 11.68 -8.08 10.58
N GLN B 14 12.04 -7.05 11.36
CA GLN B 14 13.02 -6.08 10.88
C GLN B 14 14.41 -6.69 10.75
N ARG B 15 14.81 -7.55 11.69
CA ARG B 15 16.11 -8.21 11.57
CA ARG B 15 16.11 -8.21 11.58
C ARG B 15 16.17 -9.05 10.30
N ALA B 16 15.08 -9.73 9.95
CA ALA B 16 15.06 -10.54 8.73
C ALA B 16 15.11 -9.67 7.49
N ALA B 17 14.36 -8.57 7.48
CA ALA B 17 14.39 -7.67 6.33
C ALA B 17 15.77 -7.09 6.13
N ASP B 18 16.45 -6.70 7.21
CA ASP B 18 17.82 -6.21 7.10
C ASP B 18 18.73 -7.28 6.50
N TRP B 19 18.55 -8.53 6.92
CA TRP B 19 19.37 -9.61 6.38
C TRP B 19 19.20 -9.73 4.87
N LEU B 20 17.95 -9.66 4.41
CA LEU B 20 17.67 -9.75 2.97
C LEU B 20 18.32 -8.59 2.21
N VAL B 21 18.13 -7.37 2.71
CA VAL B 21 18.57 -6.18 1.97
C VAL B 21 20.09 -6.16 1.86
N GLU B 22 20.79 -6.59 2.91
CA GLU B 22 22.25 -6.62 2.90
CA GLU B 22 22.24 -6.59 2.88
C GLU B 22 22.79 -7.50 1.78
N ARG B 23 22.03 -8.50 1.34
CA ARG B 23 22.47 -9.45 0.35
C ARG B 23 21.75 -9.29 -0.99
N GLN B 24 20.96 -8.25 -1.15
CA GLN B 24 20.25 -8.03 -2.40
C GLN B 24 21.23 -7.75 -3.52
N ARG B 25 20.92 -8.26 -4.71
CA ARG B 25 21.79 -8.16 -5.86
C ARG B 25 21.58 -6.83 -6.59
N PRO B 26 22.56 -6.40 -7.38
CA PRO B 26 22.42 -5.09 -8.06
C PRO B 26 21.17 -4.94 -8.90
N ASN B 27 20.74 -6.01 -9.58
CA ASN B 27 19.52 -5.93 -10.37
C ASN B 27 18.26 -5.99 -9.53
N GLY B 28 18.37 -6.16 -8.21
CA GLY B 28 17.23 -6.22 -7.35
C GLY B 28 16.82 -7.62 -6.89
N ALA B 29 17.38 -8.67 -7.46
CA ALA B 29 16.99 -10.01 -7.05
C ALA B 29 17.49 -10.30 -5.63
N LEU B 30 16.74 -11.15 -4.92
CA LEU B 30 17.12 -11.52 -3.56
C LEU B 30 18.10 -12.69 -3.60
N PRO B 31 18.84 -12.92 -2.49
CA PRO B 31 19.96 -13.90 -2.54
C PRO B 31 19.53 -15.37 -2.51
N SER B 32 18.95 -15.83 -3.61
CA SER B 32 18.58 -17.23 -3.79
C SER B 32 19.68 -18.00 -4.51
N ARG B 33 19.83 -19.26 -4.13
CA ARG B 33 20.80 -20.13 -4.80
C ARG B 33 20.36 -20.53 -6.20
N THR B 34 19.07 -20.43 -6.50
CA THR B 34 18.57 -20.57 -7.87
C THR B 34 17.76 -19.32 -8.23
N ALA B 35 17.87 -18.91 -9.49
CA ALA B 35 17.22 -17.68 -9.95
C ALA B 35 15.81 -18.04 -10.38
N VAL B 36 14.87 -18.05 -9.42
CA VAL B 36 13.50 -18.44 -9.69
C VAL B 36 12.56 -17.44 -9.03
N ILE B 37 11.40 -17.22 -9.65
CA ILE B 37 10.46 -16.25 -9.13
C ILE B 37 9.89 -16.71 -7.79
N GLU B 38 9.82 -18.03 -7.57
CA GLU B 38 9.31 -18.53 -6.29
C GLU B 38 10.27 -18.27 -5.13
N SER B 39 11.45 -17.72 -5.41
CA SER B 39 12.36 -17.32 -4.34
C SER B 39 12.13 -15.91 -3.85
N CYS B 40 11.37 -15.09 -4.61
CA CYS B 40 11.32 -13.65 -4.31
C CYS B 40 9.97 -13.01 -4.53
N TYR B 41 8.90 -13.79 -4.77
CA TYR B 41 7.60 -13.20 -5.10
C TYR B 41 6.99 -12.42 -3.94
N LYS B 42 7.35 -12.77 -2.70
CA LYS B 42 6.86 -12.00 -1.55
C LYS B 42 7.73 -10.80 -1.23
N GLY B 43 8.81 -10.59 -1.99
CA GLY B 43 9.82 -9.62 -1.59
C GLY B 43 9.37 -8.18 -1.64
N MET B 44 8.67 -7.77 -2.71
CA MET B 44 8.21 -6.39 -2.79
C MET B 44 7.36 -6.02 -1.57
N TRP B 45 6.37 -6.85 -1.26
CA TRP B 45 5.45 -6.53 -0.18
C TRP B 45 6.15 -6.61 1.17
N ALA B 46 6.93 -7.67 1.39
CA ALA B 46 7.63 -7.83 2.67
C ALA B 46 8.60 -6.68 2.93
N LEU B 47 9.40 -6.32 1.92
CA LEU B 47 10.40 -5.27 2.14
C LEU B 47 9.75 -3.91 2.33
N HIS B 48 8.65 -3.63 1.63
CA HIS B 48 7.94 -2.38 1.82
C HIS B 48 7.38 -2.30 3.23
N THR B 49 6.79 -3.39 3.71
CA THR B 49 6.25 -3.45 5.05
C THR B 49 7.34 -3.16 6.09
N ALA B 50 8.57 -3.54 5.80
CA ALA B 50 9.69 -3.30 6.71
C ALA B 50 10.31 -1.93 6.52
N GLY B 51 9.77 -1.10 5.64
CA GLY B 51 10.32 0.21 5.41
C GLY B 51 11.50 0.26 4.46
N HIS B 52 11.89 -0.88 3.89
CA HIS B 52 12.99 -0.94 2.93
C HIS B 52 12.43 -0.71 1.52
N THR B 53 11.98 0.52 1.28
CA THR B 53 11.25 0.82 0.05
C THR B 53 12.19 0.88 -1.16
N GLN B 54 13.46 1.24 -0.97
CA GLN B 54 14.38 1.20 -2.11
C GLN B 54 14.67 -0.24 -2.51
N ALA B 55 14.87 -1.13 -1.53
CA ALA B 55 15.04 -2.55 -1.84
C ALA B 55 13.78 -3.13 -2.47
N ALA B 56 12.61 -2.76 -1.94
CA ALA B 56 11.35 -3.24 -2.52
C ALA B 56 11.20 -2.76 -3.95
N SER B 57 11.52 -1.50 -4.21
CA SER B 57 11.45 -0.99 -5.56
CA SER B 57 11.47 -0.97 -5.56
C SER B 57 12.45 -1.67 -6.48
N ALA B 58 13.61 -2.07 -5.95
CA ALA B 58 14.58 -2.81 -6.74
C ALA B 58 14.04 -4.18 -7.12
N VAL B 59 13.35 -4.86 -6.20
CA VAL B 59 12.67 -6.09 -6.59
C VAL B 59 11.63 -5.79 -7.68
N ALA B 60 10.92 -4.68 -7.56
CA ALA B 60 9.96 -4.31 -8.61
C ALA B 60 10.65 -4.10 -9.95
N ASP B 61 11.86 -3.52 -9.96
CA ASP B 61 12.61 -3.36 -11.20
C ASP B 61 12.94 -4.72 -11.80
N TYR B 62 13.36 -5.67 -10.96
CA TYR B 62 13.67 -7.02 -11.42
C TYR B 62 12.43 -7.70 -11.99
N VAL B 63 11.33 -7.61 -11.26
CA VAL B 63 10.06 -8.20 -11.70
C VAL B 63 9.62 -7.59 -13.02
N THR B 64 9.74 -6.26 -13.14
CA THR B 64 9.37 -5.57 -14.37
C THR B 64 10.13 -6.10 -15.58
N SER B 65 11.41 -6.43 -15.39
CA SER B 65 12.24 -6.93 -16.49
C SER B 65 11.84 -8.34 -16.92
N LEU B 66 11.11 -9.09 -16.10
CA LEU B 66 10.64 -10.41 -16.47
C LEU B 66 9.22 -10.39 -17.03
N LEU B 67 8.52 -9.27 -16.90
CA LEU B 67 7.12 -9.19 -17.27
C LEU B 67 6.95 -9.40 -18.76
N GLN B 68 6.00 -10.24 -19.12
CA GLN B 68 5.70 -10.56 -20.51
C GLN B 68 4.53 -9.70 -20.99
N PRO B 69 4.34 -9.59 -22.32
CA PRO B 69 3.28 -8.71 -22.83
C PRO B 69 1.88 -9.04 -22.32
N ASP B 70 1.61 -10.29 -21.95
CA ASP B 70 0.31 -10.67 -21.43
C ASP B 70 0.14 -10.41 -19.93
N GLY B 71 1.16 -9.87 -19.27
CA GLY B 71 1.08 -9.59 -17.85
C GLY B 71 1.49 -10.72 -16.93
N ASP B 72 1.91 -11.86 -17.47
CA ASP B 72 2.37 -12.98 -16.67
C ASP B 72 3.89 -12.91 -16.52
N ILE B 73 4.37 -13.67 -15.55
CA ILE B 73 5.78 -14.00 -15.37
C ILE B 73 5.87 -15.52 -15.41
N PRO B 74 5.91 -16.12 -16.60
CA PRO B 74 5.93 -17.58 -16.68
C PRO B 74 7.26 -18.21 -16.35
N GLN B 75 8.33 -17.43 -16.37
CA GLN B 75 9.68 -17.89 -16.09
C GLN B 75 10.42 -16.77 -15.38
N PRO B 76 11.40 -17.09 -14.52
CA PRO B 76 11.86 -18.46 -14.23
C PRO B 76 11.04 -19.15 -13.15
N ARG B 77 10.58 -20.35 -13.44
CA ARG B 77 9.84 -21.18 -12.49
C ARG B 77 10.37 -22.60 -12.57
N GLU B 78 10.56 -23.22 -11.42
CA GLU B 78 11.02 -24.62 -11.37
C GLU B 78 10.18 -25.49 -10.47
N GLU B 79 9.68 -24.96 -9.35
CA GLU B 79 8.96 -25.77 -8.37
C GLU B 79 7.58 -26.12 -8.90
N ARG B 80 7.23 -27.41 -8.84
CA ARG B 80 5.96 -27.87 -9.43
C ARG B 80 4.76 -27.21 -8.77
N TYR B 81 4.82 -26.87 -7.48
CA TYR B 81 3.68 -26.19 -6.88
C TYR B 81 3.40 -24.85 -7.54
N PHE B 82 4.42 -24.23 -8.13
CA PHE B 82 4.23 -22.99 -8.84
C PHE B 82 4.00 -23.19 -10.33
N LEU B 83 3.73 -24.44 -10.75
CA LEU B 83 3.42 -24.76 -12.13
C LEU B 83 2.02 -25.35 -12.27
N ASP B 84 1.67 -26.37 -11.50
CA ASP B 84 0.37 -26.98 -11.69
C ASP B 84 -0.47 -27.13 -10.42
N VAL B 85 0.03 -26.71 -9.26
CA VAL B 85 -0.75 -26.79 -8.04
C VAL B 85 -1.38 -25.44 -7.72
N HIS B 86 -0.54 -24.40 -7.62
CA HIS B 86 -1.04 -23.02 -7.46
C HIS B 86 -0.11 -22.03 -8.19
N TYR B 87 -0.17 -22.09 -9.51
CA TYR B 87 0.65 -21.22 -10.36
C TYR B 87 0.54 -19.75 -9.95
N LEU B 88 -0.69 -19.29 -9.72
CA LEU B 88 -0.94 -17.87 -9.47
C LEU B 88 -0.52 -17.42 -8.08
N TYR B 89 -0.03 -18.33 -7.23
CA TYR B 89 0.45 -17.92 -5.92
C TYR B 89 1.57 -16.88 -6.04
N ALA B 90 2.48 -17.06 -7.00
CA ALA B 90 3.50 -16.05 -7.23
C ALA B 90 2.86 -14.73 -7.68
N ASN B 91 1.97 -14.81 -8.69
CA ASN B 91 1.40 -13.60 -9.28
C ASN B 91 0.64 -12.76 -8.25
N GLY B 92 -0.01 -13.43 -7.29
CA GLY B 92 -0.81 -12.70 -6.32
C GLY B 92 0.02 -11.79 -5.44
N TYR B 93 1.10 -12.31 -4.88
CA TYR B 93 1.97 -11.47 -4.06
C TYR B 93 2.65 -10.39 -4.88
N LEU B 94 3.02 -10.71 -6.13
CA LEU B 94 3.62 -9.69 -6.98
C LEU B 94 2.66 -8.54 -7.23
N THR B 95 1.39 -8.85 -7.44
CA THR B 95 0.39 -7.81 -7.67
C THR B 95 0.23 -6.92 -6.45
N ILE B 96 0.12 -7.53 -5.27
CA ILE B 96 -0.03 -6.75 -4.03
C ILE B 96 1.19 -5.88 -3.79
N GLY B 97 2.39 -6.47 -3.89
CA GLY B 97 3.60 -5.70 -3.66
C GLY B 97 3.75 -4.55 -4.63
N ALA B 98 3.46 -4.79 -5.91
CA ALA B 98 3.54 -3.71 -6.89
C ALA B 98 2.56 -2.60 -6.56
N HIS B 99 1.33 -2.96 -6.18
CA HIS B 99 0.31 -1.96 -5.95
C HIS B 99 0.64 -1.09 -4.75
N VAL B 100 1.05 -1.70 -3.63
CA VAL B 100 1.35 -0.93 -2.43
CA VAL B 100 1.34 -0.92 -2.44
C VAL B 100 2.52 0.01 -2.65
N LEU B 101 3.44 -0.34 -3.55
CA LEU B 101 4.54 0.54 -3.93
C LEU B 101 4.10 1.67 -4.86
N GLY B 102 2.85 1.67 -5.32
CA GLY B 102 2.43 2.66 -6.27
C GLY B 102 2.86 2.38 -7.69
N ARG B 103 3.36 1.18 -7.98
CA ARG B 103 3.74 0.79 -9.34
C ARG B 103 2.45 0.33 -10.05
N PHE B 104 1.64 1.32 -10.43
CA PHE B 104 0.28 1.03 -10.85
C PHE B 104 0.22 0.38 -12.22
N GLY B 105 1.22 0.62 -13.07
CA GLY B 105 1.23 -0.07 -14.34
C GLY B 105 1.55 -1.54 -14.17
N LEU B 106 2.55 -1.83 -13.33
CA LEU B 106 2.89 -3.20 -13.00
C LEU B 106 1.70 -3.92 -12.36
N SER B 107 1.05 -3.29 -11.37
CA SER B 107 -0.05 -3.96 -10.69
C SER B 107 -1.25 -4.17 -11.63
N ARG B 108 -1.56 -3.19 -12.50
CA ARG B 108 -2.65 -3.37 -13.45
C ARG B 108 -2.36 -4.54 -14.40
N LYS B 109 -1.15 -4.60 -14.92
CA LYS B 109 -0.82 -5.64 -15.88
C LYS B 109 -0.82 -7.01 -15.22
N LEU B 110 -0.24 -7.11 -14.02
CA LEU B 110 -0.23 -8.39 -13.33
C LEU B 110 -1.64 -8.84 -12.97
N MET B 111 -2.48 -7.92 -12.48
CA MET B 111 -3.81 -8.29 -12.02
C MET B 111 -4.70 -8.63 -13.20
N SER B 112 -4.54 -7.94 -14.31
CA SER B 112 -5.31 -8.28 -15.50
C SER B 112 -4.99 -9.68 -15.98
N PHE B 113 -3.70 -10.08 -15.91
CA PHE B 113 -3.41 -11.47 -16.27
C PHE B 113 -4.06 -12.45 -15.29
N VAL B 114 -3.94 -12.18 -13.99
CA VAL B 114 -4.57 -13.03 -12.98
C VAL B 114 -6.04 -13.25 -13.33
N GLU B 115 -6.74 -12.18 -13.71
CA GLU B 115 -8.16 -12.30 -14.02
C GLU B 115 -8.45 -13.14 -15.26
N THR B 116 -7.51 -13.27 -16.20
CA THR B 116 -7.77 -14.18 -17.32
C THR B 116 -7.85 -15.63 -16.89
N MET B 117 -7.34 -15.98 -15.72
CA MET B 117 -7.36 -17.34 -15.22
C MET B 117 -8.54 -17.60 -14.28
N ARG B 118 -9.42 -16.63 -14.10
CA ARG B 118 -10.61 -16.81 -13.29
C ARG B 118 -11.67 -17.57 -14.05
N ASN B 119 -12.32 -18.50 -13.36
CA ASN B 119 -13.46 -19.24 -13.91
C ASN B 119 -14.69 -18.38 -13.65
N PRO B 120 -15.34 -17.82 -14.67
CA PRO B 120 -16.44 -16.88 -14.40
C PRO B 120 -17.68 -17.55 -13.83
N ALA B 121 -17.84 -18.86 -14.01
CA ALA B 121 -19.00 -19.54 -13.46
C ALA B 121 -18.84 -19.88 -11.98
N THR B 122 -17.62 -20.21 -11.54
CA THR B 122 -17.40 -20.65 -10.16
C THR B 122 -16.70 -19.61 -9.30
N GLY B 123 -16.01 -18.64 -9.89
CA GLY B 123 -15.23 -17.68 -9.13
C GLY B 123 -13.85 -18.17 -8.75
N GLY B 124 -13.51 -19.41 -9.06
CA GLY B 124 -12.19 -19.93 -8.77
C GLY B 124 -11.16 -19.50 -9.78
N PHE B 125 -9.89 -19.67 -9.38
CA PHE B 125 -8.77 -19.37 -10.26
C PHE B 125 -8.01 -20.64 -10.58
N ARG B 126 -7.71 -20.83 -11.87
CA ARG B 126 -7.14 -22.08 -12.36
C ARG B 126 -5.78 -22.35 -11.76
N SER B 127 -5.53 -23.63 -11.43
CA SER B 127 -4.31 -24.02 -10.71
C SER B 127 -3.07 -24.07 -11.60
N HIS B 128 -3.24 -24.28 -12.90
CA HIS B 128 -2.11 -24.53 -13.79
C HIS B 128 -1.95 -23.36 -14.75
N GLY B 129 -0.69 -22.97 -14.99
CA GLY B 129 -0.40 -21.83 -15.80
C GLY B 129 -0.56 -22.09 -17.28
N PRO B 130 -0.48 -21.03 -18.08
CA PRO B 130 -0.76 -21.17 -19.53
C PRO B 130 0.12 -22.18 -20.25
N ALA B 131 1.38 -22.31 -19.85
CA ALA B 131 2.28 -23.24 -20.53
C ALA B 131 2.18 -24.66 -20.00
N ILE B 132 1.35 -24.90 -19.00
CA ILE B 132 1.24 -26.19 -18.34
C ILE B 132 -0.12 -26.77 -18.63
N PRO B 133 -0.23 -27.96 -19.23
CA PRO B 133 -1.54 -28.53 -19.53
C PRO B 133 -2.27 -28.93 -18.25
N GLY B 134 -3.59 -28.83 -18.31
CA GLY B 134 -4.39 -29.16 -17.15
C GLY B 134 -5.86 -29.23 -17.50
N ASP B 135 -6.66 -29.56 -16.49
CA ASP B 135 -8.08 -29.81 -16.67
C ASP B 135 -8.97 -28.65 -16.22
N GLY B 136 -8.39 -27.50 -15.91
CA GLY B 136 -9.18 -26.36 -15.48
C GLY B 136 -9.55 -26.39 -14.01
N ARG B 137 -8.99 -27.30 -13.23
CA ARG B 137 -9.23 -27.30 -11.80
C ARG B 137 -8.79 -25.96 -11.20
N CYS B 138 -9.47 -25.57 -10.12
CA CYS B 138 -9.17 -24.36 -9.36
C CYS B 138 -8.99 -24.72 -7.89
N ASP B 139 -8.04 -24.09 -7.22
CA ASP B 139 -7.73 -24.44 -5.84
C ASP B 139 -7.90 -23.26 -4.88
N SER B 140 -7.96 -23.58 -3.59
CA SER B 140 -8.24 -22.59 -2.57
C SER B 140 -7.13 -21.55 -2.43
N VAL B 141 -5.88 -21.93 -2.74
CA VAL B 141 -4.76 -21.00 -2.57
C VAL B 141 -4.67 -20.02 -3.74
N SER B 142 -4.72 -20.53 -4.98
CA SER B 142 -4.81 -19.63 -6.13
C SER B 142 -5.98 -18.67 -5.98
N THR B 143 -7.11 -19.18 -5.51
CA THR B 143 -8.31 -18.34 -5.44
C THR B 143 -8.20 -17.31 -4.32
N SER B 144 -7.68 -17.70 -3.15
CA SER B 144 -7.58 -16.79 -2.02
CA SER B 144 -7.62 -16.76 -2.04
C SER B 144 -6.56 -15.68 -2.27
N ILE B 145 -5.40 -16.04 -2.84
CA ILE B 145 -4.39 -15.01 -3.07
C ILE B 145 -4.83 -14.07 -4.18
N SER B 146 -5.54 -14.59 -5.19
CA SER B 146 -6.06 -13.72 -6.25
C SER B 146 -7.15 -12.81 -5.72
N GLY B 147 -7.98 -13.33 -4.81
CA GLY B 147 -8.96 -12.49 -4.14
C GLY B 147 -8.31 -11.38 -3.32
N LEU B 148 -7.24 -11.72 -2.59
CA LEU B 148 -6.56 -10.71 -1.79
C LEU B 148 -5.93 -9.65 -2.68
N ALA B 149 -5.30 -10.07 -3.79
CA ALA B 149 -4.77 -9.10 -4.75
C ALA B 149 -5.89 -8.24 -5.32
N ALA B 150 -7.06 -8.84 -5.57
CA ALA B 150 -8.20 -8.05 -6.02
C ALA B 150 -8.59 -6.99 -4.99
N LEU B 151 -8.55 -7.34 -3.69
CA LEU B 151 -8.87 -6.35 -2.67
C LEU B 151 -7.87 -5.19 -2.70
N TYR B 152 -6.57 -5.51 -2.76
CA TYR B 152 -5.57 -4.45 -2.81
C TYR B 152 -5.70 -3.58 -4.04
N THR B 153 -6.10 -4.15 -5.18
CA THR B 153 -6.23 -3.35 -6.39
C THR B 153 -7.62 -2.76 -6.60
N GLY B 154 -8.53 -2.95 -5.64
CA GLY B 154 -9.85 -2.35 -5.74
C GLY B 154 -10.85 -3.11 -6.60
N ARG B 155 -10.52 -4.32 -7.02
CA ARG B 155 -11.43 -5.13 -7.83
C ARG B 155 -12.29 -5.99 -6.90
N VAL B 156 -13.18 -5.30 -6.17
CA VAL B 156 -13.91 -5.95 -5.08
C VAL B 156 -14.88 -7.01 -5.61
N ASP B 157 -15.44 -6.79 -6.80
CA ASP B 157 -16.32 -7.81 -7.37
C ASP B 157 -15.57 -9.12 -7.60
N THR B 158 -14.34 -9.03 -8.10
CA THR B 158 -13.51 -10.22 -8.25
C THR B 158 -13.26 -10.90 -6.91
N ALA B 159 -12.98 -10.10 -5.87
CA ALA B 159 -12.77 -10.66 -4.54
C ALA B 159 -14.03 -11.36 -4.02
N ARG B 160 -15.19 -10.74 -4.20
CA ARG B 160 -16.44 -11.37 -3.75
CA ARG B 160 -16.44 -11.37 -3.75
C ARG B 160 -16.68 -12.67 -4.47
N SER B 161 -16.34 -12.74 -5.76
CA SER B 161 -16.49 -13.97 -6.52
C SER B 161 -15.54 -15.05 -6.02
N ALA B 162 -14.31 -14.67 -5.69
CA ALA B 162 -13.38 -15.61 -5.07
C ALA B 162 -13.92 -16.16 -3.77
N ALA B 163 -14.58 -15.30 -2.97
CA ALA B 163 -15.17 -15.76 -1.73
C ALA B 163 -16.31 -16.74 -1.99
N ASP B 164 -17.09 -16.49 -3.04
CA ASP B 164 -18.15 -17.44 -3.42
C ASP B 164 -17.57 -18.82 -3.70
N PHE B 165 -16.47 -18.87 -4.45
CA PHE B 165 -15.82 -20.14 -4.72
C PHE B 165 -15.40 -20.82 -3.42
N LEU B 166 -14.81 -20.06 -2.50
CA LEU B 166 -14.33 -20.64 -1.26
C LEU B 166 -15.48 -21.17 -0.42
N GLY B 167 -16.60 -20.44 -0.40
CA GLY B 167 -17.77 -20.93 0.30
C GLY B 167 -18.29 -22.23 -0.31
N SER B 168 -18.33 -22.28 -1.64
CA SER B 168 -18.77 -23.51 -2.30
CA SER B 168 -18.78 -23.52 -2.30
C SER B 168 -17.85 -24.68 -1.97
N LEU B 169 -16.54 -24.43 -1.97
CA LEU B 169 -15.56 -25.45 -1.64
C LEU B 169 -15.77 -25.96 -0.22
N TRP B 170 -16.05 -25.06 0.72
CA TRP B 170 -16.24 -25.43 2.11
C TRP B 170 -17.53 -26.22 2.29
N VAL B 171 -18.63 -25.75 1.70
CA VAL B 171 -19.91 -26.45 1.81
C VAL B 171 -19.81 -27.85 1.23
N GLY B 172 -19.10 -27.99 0.12
CA GLY B 172 -19.04 -29.22 -0.64
C GLY B 172 -18.08 -30.29 -0.16
N GLN B 173 -17.40 -30.08 0.96
CA GLN B 173 -16.46 -31.06 1.46
C GLN B 173 -17.19 -32.36 1.78
N PRO B 174 -16.75 -33.51 1.25
CA PRO B 174 -17.45 -34.77 1.54
C PRO B 174 -17.10 -35.41 2.87
N ASP B 175 -15.98 -35.03 3.49
CA ASP B 175 -15.52 -35.68 4.70
C ASP B 175 -14.59 -34.76 5.48
N ARG B 176 -15.10 -33.62 5.93
CA ARG B 176 -14.22 -32.59 6.47
C ARG B 176 -13.52 -33.02 7.75
N LYS B 177 -14.04 -34.01 8.47
CA LYS B 177 -13.39 -34.47 9.69
CA LYS B 177 -13.37 -34.45 9.69
C LYS B 177 -12.04 -35.13 9.39
N ASN B 178 -11.88 -35.70 8.20
CA ASN B 178 -10.65 -36.42 7.88
C ASN B 178 -9.79 -35.77 6.80
N VAL B 179 -10.37 -35.04 5.86
CA VAL B 179 -9.59 -34.48 4.76
C VAL B 179 -10.21 -33.15 4.35
N PHE B 180 -9.35 -32.19 4.01
CA PHE B 180 -9.79 -30.97 3.36
C PHE B 180 -9.36 -31.06 1.89
N HIS B 181 -10.34 -31.19 1.00
CA HIS B 181 -10.07 -31.24 -0.43
C HIS B 181 -10.03 -29.80 -0.91
N ALA B 182 -8.84 -29.32 -1.29
CA ALA B 182 -8.63 -27.90 -1.55
C ALA B 182 -8.92 -27.51 -3.00
N VAL B 183 -9.38 -28.43 -3.83
CA VAL B 183 -9.51 -28.21 -5.25
C VAL B 183 -10.94 -28.51 -5.70
N ALA B 184 -11.44 -27.71 -6.64
CA ALA B 184 -12.69 -27.98 -7.34
C ALA B 184 -12.43 -28.11 -8.85
N ASP B 185 -13.35 -28.81 -9.53
CA ASP B 185 -13.22 -28.93 -10.97
C ASP B 185 -13.73 -27.66 -11.67
N ALA B 186 -13.62 -27.64 -13.00
CA ALA B 186 -14.05 -26.47 -13.77
C ALA B 186 -15.55 -26.21 -13.66
N SER B 187 -16.33 -27.20 -13.25
CA SER B 187 -17.75 -26.99 -13.03
C SER B 187 -18.07 -26.49 -11.63
N GLY B 188 -17.10 -26.53 -10.71
CA GLY B 188 -17.27 -26.04 -9.36
C GLY B 188 -17.49 -27.09 -8.32
N ALA B 189 -17.44 -28.37 -8.68
CA ALA B 189 -17.63 -29.45 -7.73
C ALA B 189 -16.30 -29.84 -7.10
N VAL B 190 -16.34 -30.16 -5.80
CA VAL B 190 -15.13 -30.53 -5.08
C VAL B 190 -14.46 -31.74 -5.75
N LEU B 191 -13.16 -31.63 -5.95
CA LEU B 191 -12.36 -32.67 -6.61
C LEU B 191 -11.76 -33.56 -5.53
N THR B 192 -12.20 -34.81 -5.48
CA THR B 192 -11.69 -35.76 -4.50
C THR B 192 -10.70 -36.74 -5.12
N SER B 193 -10.33 -36.54 -6.38
CA SER B 193 -9.46 -37.47 -7.07
C SER B 193 -8.09 -37.55 -6.39
N ASP B 194 -7.40 -38.65 -6.67
CA ASP B 194 -6.10 -38.92 -6.07
C ASP B 194 -5.12 -37.77 -6.32
N ASP B 195 -5.23 -37.11 -7.47
CA ASP B 195 -4.23 -36.15 -7.93
C ASP B 195 -4.50 -34.71 -7.48
N ALA B 196 -5.52 -34.48 -6.67
CA ALA B 196 -5.84 -33.12 -6.23
C ALA B 196 -5.39 -32.90 -4.80
N VAL B 197 -4.88 -31.68 -4.53
CA VAL B 197 -4.39 -31.36 -3.19
C VAL B 197 -5.43 -31.69 -2.15
N ALA B 198 -5.01 -32.40 -1.10
CA ALA B 198 -5.89 -32.78 0.00
C ALA B 198 -5.09 -32.72 1.28
N VAL B 199 -5.56 -31.91 2.24
CA VAL B 199 -4.91 -31.83 3.54
C VAL B 199 -5.46 -32.94 4.42
N GLN B 200 -4.55 -33.73 4.98
CA GLN B 200 -4.94 -34.80 5.90
C GLN B 200 -5.07 -34.15 7.27
N VAL B 201 -6.29 -33.71 7.61
CA VAL B 201 -6.44 -32.81 8.74
C VAL B 201 -6.20 -33.48 10.08
N ARG B 202 -6.19 -34.81 10.14
CA ARG B 202 -5.91 -35.53 11.38
C ARG B 202 -4.48 -36.04 11.46
N LYS B 203 -3.60 -35.58 10.57
CA LYS B 203 -2.20 -35.96 10.57
C LYS B 203 -1.35 -34.70 10.64
N ALA B 204 -0.09 -34.88 11.04
CA ALA B 204 0.85 -33.76 11.12
C ALA B 204 1.72 -33.71 9.85
N GLU B 205 1.06 -33.44 8.72
CA GLU B 205 1.70 -33.51 7.41
C GLU B 205 1.60 -32.19 6.64
N GLY B 206 1.39 -31.07 7.33
CA GLY B 206 1.53 -29.78 6.67
C GLY B 206 0.43 -29.44 5.68
N ASP B 207 0.76 -28.49 4.79
CA ASP B 207 -0.14 -27.95 3.77
C ASP B 207 -1.34 -27.21 4.35
N TRP B 208 -1.22 -26.73 5.60
CA TRP B 208 -2.35 -26.09 6.27
C TRP B 208 -2.73 -24.77 5.63
N TYR B 209 -1.83 -24.14 4.87
CA TYR B 209 -2.15 -22.87 4.24
C TYR B 209 -3.26 -22.97 3.21
N PHE B 210 -3.59 -24.19 2.74
CA PHE B 210 -4.76 -24.35 1.88
C PHE B 210 -6.05 -24.03 2.62
N ILE B 211 -6.02 -24.04 3.96
CA ILE B 211 -7.12 -23.58 4.79
C ILE B 211 -6.83 -22.20 5.38
N GLY B 212 -5.59 -22.00 5.83
CA GLY B 212 -5.24 -20.76 6.51
C GLY B 212 -5.29 -19.54 5.61
N LEU B 213 -4.85 -19.66 4.35
CA LEU B 213 -4.88 -18.49 3.49
C LEU B 213 -6.32 -18.08 3.17
N PRO B 214 -7.22 -19.03 2.85
CA PRO B 214 -8.63 -18.63 2.74
C PRO B 214 -9.15 -17.92 3.98
N ALA B 215 -8.76 -18.37 5.17
CA ALA B 215 -9.25 -17.72 6.38
C ALA B 215 -8.78 -16.27 6.45
N PHE B 216 -7.50 -16.02 6.11
CA PHE B 216 -6.99 -14.65 6.07
C PHE B 216 -7.75 -13.81 5.03
N PHE B 217 -7.84 -14.31 3.80
CA PHE B 217 -8.52 -13.55 2.75
C PHE B 217 -9.95 -13.21 3.14
N LEU B 218 -10.69 -14.20 3.64
CA LEU B 218 -12.09 -13.97 3.95
C LEU B 218 -12.25 -12.95 5.07
N THR B 219 -11.33 -12.95 6.03
CA THR B 219 -11.37 -11.94 7.09
C THR B 219 -11.12 -10.55 6.52
N ALA B 220 -10.15 -10.43 5.60
CA ALA B 220 -9.90 -9.13 4.98
C ALA B 220 -11.10 -8.68 4.16
N LEU B 221 -11.77 -9.62 3.49
CA LEU B 221 -12.96 -9.27 2.73
C LEU B 221 -14.09 -8.82 3.64
N TYR B 222 -14.26 -9.49 4.79
CA TYR B 222 -15.20 -9.00 5.79
C TYR B 222 -14.84 -7.58 6.23
N GLU B 223 -13.56 -7.31 6.49
CA GLU B 223 -13.18 -5.97 6.88
C GLU B 223 -13.56 -4.95 5.82
N ALA B 224 -13.39 -5.32 4.54
CA ALA B 224 -13.66 -4.42 3.43
C ALA B 224 -15.16 -4.17 3.22
N THR B 225 -16.01 -5.14 3.52
CA THR B 225 -17.41 -5.08 3.14
C THR B 225 -18.40 -5.08 4.29
N GLU B 226 -18.00 -5.52 5.48
CA GLU B 226 -18.87 -5.71 6.64
CA GLU B 226 -18.86 -5.73 6.65
C GLU B 226 -19.89 -6.81 6.44
N ASP B 227 -19.77 -7.62 5.38
CA ASP B 227 -20.72 -8.69 5.10
C ASP B 227 -20.41 -9.88 6.01
N ARG B 228 -21.34 -10.17 6.95
CA ARG B 228 -21.08 -11.19 7.96
C ARG B 228 -20.98 -12.59 7.37
N ALA B 229 -21.46 -12.81 6.14
CA ALA B 229 -21.23 -14.11 5.50
C ALA B 229 -19.74 -14.43 5.42
N TYR B 230 -18.91 -13.42 5.18
CA TYR B 230 -17.48 -13.66 5.07
C TYR B 230 -16.83 -13.87 6.43
N LEU B 231 -17.28 -13.10 7.43
CA LEU B 231 -16.79 -13.32 8.79
C LEU B 231 -17.12 -14.74 9.24
N ASP B 232 -18.35 -15.17 8.99
CA ASP B 232 -18.77 -16.49 9.45
C ASP B 232 -18.00 -17.61 8.78
N LEU B 233 -17.68 -17.46 7.49
CA LEU B 233 -16.85 -18.46 6.83
C LEU B 233 -15.43 -18.44 7.40
N ALA B 234 -14.86 -17.25 7.58
CA ALA B 234 -13.53 -17.18 8.17
C ALA B 234 -13.49 -17.81 9.55
N THR B 235 -14.49 -17.56 10.38
CA THR B 235 -14.49 -18.14 11.71
C THR B 235 -14.76 -19.64 11.67
N ASP B 236 -15.60 -20.11 10.73
CA ASP B 236 -15.73 -21.55 10.50
C ASP B 236 -14.37 -22.18 10.23
N LEU B 237 -13.58 -21.54 9.37
CA LEU B 237 -12.27 -22.11 9.03
C LEU B 237 -11.31 -22.06 10.22
N MET B 238 -11.33 -20.97 10.98
CA MET B 238 -10.45 -20.89 12.15
CA MET B 238 -10.46 -20.88 12.15
C MET B 238 -10.84 -21.91 13.20
N THR B 239 -12.14 -22.06 13.47
CA THR B 239 -12.58 -23.05 14.45
C THR B 239 -12.25 -24.46 13.98
N TYR B 240 -12.40 -24.73 12.68
CA TYR B 240 -11.99 -26.01 12.11
C TYR B 240 -10.53 -26.29 12.39
N MET B 241 -9.66 -25.30 12.15
CA MET B 241 -8.24 -25.52 12.40
C MET B 241 -7.95 -25.70 13.88
N ASP B 242 -8.64 -24.95 14.74
CA ASP B 242 -8.37 -24.99 16.17
C ASP B 242 -8.89 -26.28 16.79
N GLU B 243 -10.08 -26.74 16.37
CA GLU B 243 -10.80 -27.79 17.09
C GLU B 243 -10.85 -29.13 16.38
N ASP B 244 -10.82 -29.14 15.04
CA ASP B 244 -10.95 -30.37 14.28
C ASP B 244 -9.66 -30.82 13.62
N CYS B 245 -8.69 -29.93 13.45
CA CYS B 245 -7.44 -30.29 12.82
C CYS B 245 -6.38 -30.65 13.86
N ASP B 246 -5.40 -31.42 13.41
CA ASP B 246 -4.25 -31.78 14.22
C ASP B 246 -3.57 -30.51 14.76
N GLU B 247 -2.91 -30.67 15.91
CA GLU B 247 -2.15 -29.58 16.51
C GLU B 247 -1.14 -28.99 15.55
N ASP B 248 -0.69 -29.77 14.56
CA ASP B 248 0.29 -29.30 13.58
C ASP B 248 -0.20 -28.07 12.80
N ALA B 249 -1.53 -27.86 12.74
CA ALA B 249 -2.07 -26.74 11.97
C ALA B 249 -1.55 -25.40 12.48
N PHE B 250 -1.22 -25.31 13.77
CA PHE B 250 -0.70 -24.08 14.36
C PHE B 250 0.78 -24.20 14.72
N VAL B 251 1.47 -25.19 14.15
CA VAL B 251 2.88 -25.45 14.47
C VAL B 251 3.72 -25.59 13.20
N ASP B 252 3.15 -26.19 12.17
CA ASP B 252 3.85 -26.37 10.89
C ASP B 252 4.29 -25.03 10.33
N SER B 253 5.34 -25.05 9.52
CA SER B 253 5.87 -23.83 8.92
C SER B 253 4.82 -23.04 8.13
N SER B 254 3.74 -23.68 7.67
CA SER B 254 2.70 -22.99 6.91
C SER B 254 1.62 -22.37 7.80
N CYS B 255 1.80 -22.38 9.12
CA CYS B 255 0.77 -21.88 10.02
C CYS B 255 0.67 -20.36 10.06
N GLY B 256 1.59 -19.65 9.42
CA GLY B 256 1.60 -18.19 9.50
C GLY B 256 0.35 -17.54 8.94
N LYS B 257 -0.24 -18.16 7.92
CA LYS B 257 -1.43 -17.60 7.31
C LYS B 257 -2.57 -17.62 8.33
N ALA B 258 -2.73 -18.74 9.04
CA ALA B 258 -3.72 -18.83 10.09
C ALA B 258 -3.44 -17.82 11.21
N GLY B 259 -2.14 -17.62 11.51
CA GLY B 259 -1.78 -16.67 12.55
C GLY B 259 -2.20 -15.25 12.21
N VAL B 260 -1.97 -14.85 10.95
CA VAL B 260 -2.41 -13.54 10.46
C VAL B 260 -3.93 -13.45 10.51
N ALA B 261 -4.63 -14.48 10.04
CA ALA B 261 -6.08 -14.46 10.08
C ALA B 261 -6.59 -14.29 11.52
N ALA B 262 -5.97 -15.01 12.46
CA ALA B 262 -6.37 -14.91 13.86
C ALA B 262 -6.12 -13.51 14.41
N ALA B 263 -4.98 -12.92 14.08
CA ALA B 263 -4.69 -11.58 14.60
C ALA B 263 -5.68 -10.56 14.07
N LEU B 264 -6.04 -10.67 12.78
CA LEU B 264 -7.03 -9.78 12.21
C LEU B 264 -8.40 -10.02 12.84
N LEU B 265 -8.78 -11.29 13.03
CA LEU B 265 -10.05 -11.61 13.67
C LEU B 265 -10.10 -11.07 15.09
N TYR B 266 -8.98 -11.11 15.80
CA TYR B 266 -8.95 -10.51 17.13
C TYR B 266 -9.21 -9.02 17.07
N ARG B 267 -8.54 -8.31 16.16
CA ARG B 267 -8.77 -6.87 16.08
C ARG B 267 -10.23 -6.57 15.73
N LEU B 268 -10.82 -7.35 14.83
CA LEU B 268 -12.17 -7.07 14.38
C LEU B 268 -13.24 -7.51 15.37
N THR B 269 -13.00 -8.58 16.15
CA THR B 269 -14.05 -9.14 17.01
C THR B 269 -13.73 -9.09 18.49
N GLY B 270 -12.47 -8.97 18.88
CA GLY B 270 -12.08 -8.96 20.28
C GLY B 270 -12.10 -10.31 20.96
N ARG B 271 -12.39 -11.39 20.24
CA ARG B 271 -12.49 -12.68 20.89
C ARG B 271 -11.13 -13.16 21.37
N PRO B 272 -10.94 -13.44 22.66
CA PRO B 272 -9.60 -13.72 23.17
C PRO B 272 -8.93 -14.95 22.57
N ARG B 273 -9.69 -15.96 22.15
CA ARG B 273 -9.03 -17.13 21.57
C ARG B 273 -8.24 -16.76 20.32
N TYR B 274 -8.73 -15.78 19.54
CA TYR B 274 -7.99 -15.38 18.35
C TYR B 274 -6.68 -14.70 18.71
N ARG B 275 -6.69 -13.89 19.78
CA ARG B 275 -5.43 -13.33 20.26
C ARG B 275 -4.46 -14.42 20.67
N GLU B 276 -4.96 -15.44 21.38
CA GLU B 276 -4.11 -16.55 21.83
C GLU B 276 -3.49 -17.30 20.65
N ILE B 277 -4.30 -17.61 19.63
CA ILE B 277 -3.78 -18.32 18.47
C ILE B 277 -2.69 -17.49 17.79
N ALA B 278 -2.97 -16.21 17.57
CA ALA B 278 -2.00 -15.34 16.88
C ALA B 278 -0.72 -15.18 17.69
N GLU B 279 -0.85 -14.95 19.01
CA GLU B 279 0.32 -14.78 19.85
C GLU B 279 1.17 -16.05 19.84
N GLY B 280 0.51 -17.22 19.91
CA GLY B 280 1.25 -18.46 19.92
C GLY B 280 2.01 -18.69 18.63
N ILE B 281 1.38 -18.40 17.49
CA ILE B 281 2.05 -18.59 16.20
C ILE B 281 3.18 -17.57 16.03
N GLY B 282 2.92 -16.31 16.35
CA GLY B 282 3.97 -15.31 16.27
C GLY B 282 5.19 -15.68 17.08
N THR B 283 4.97 -16.12 18.33
CA THR B 283 6.08 -16.50 19.19
C THR B 283 6.87 -17.67 18.62
N LEU B 284 6.16 -18.69 18.09
CA LEU B 284 6.84 -19.85 17.53
C LEU B 284 7.74 -19.45 16.35
N LEU B 285 7.21 -18.64 15.44
CA LEU B 285 8.04 -18.18 14.32
C LEU B 285 9.22 -17.36 14.83
N CYS B 286 8.98 -16.49 15.81
CA CYS B 286 10.08 -15.70 16.37
C CYS B 286 11.14 -16.62 16.96
N GLU B 287 10.73 -17.69 17.65
CA GLU B 287 11.69 -18.59 18.27
C GLU B 287 12.52 -19.36 17.24
N ARG B 288 11.96 -19.62 16.06
CA ARG B 288 12.67 -20.38 15.04
C ARG B 288 13.64 -19.55 14.21
N GLN B 289 13.60 -18.23 14.36
CA GLN B 289 14.47 -17.38 13.55
C GLN B 289 15.93 -17.61 13.90
N SER B 290 16.77 -17.68 12.87
CA SER B 290 18.20 -17.77 13.10
C SER B 290 18.67 -16.52 13.82
N PRO B 291 19.66 -16.65 14.70
CA PRO B 291 20.28 -15.45 15.30
C PRO B 291 20.81 -14.48 14.25
N TYR B 292 21.13 -14.98 13.05
CA TYR B 292 21.62 -14.13 11.97
C TYR B 292 20.51 -13.39 11.23
N GLY B 293 19.26 -13.82 11.35
CA GLY B 293 18.12 -13.03 10.89
C GLY B 293 17.19 -13.77 9.94
N TYR B 294 17.70 -14.75 9.22
CA TYR B 294 16.88 -15.50 8.27
C TYR B 294 16.15 -16.65 8.98
N TRP B 295 15.30 -17.34 8.24
CA TRP B 295 14.72 -18.62 8.65
C TRP B 295 15.13 -19.68 7.64
N SER B 296 15.39 -20.89 8.14
CA SER B 296 15.79 -21.99 7.28
C SER B 296 15.35 -23.30 7.90
N GLU B 297 14.90 -24.21 7.04
CA GLU B 297 14.54 -25.55 7.47
C GLU B 297 15.71 -26.25 8.14
N GLU B 298 16.87 -26.26 7.48
CA GLU B 298 17.97 -27.12 7.87
C GLU B 298 19.28 -26.40 8.17
N GLU B 299 19.42 -25.14 7.81
CA GLU B 299 20.72 -24.48 7.84
C GLU B 299 20.83 -23.52 9.03
N THR B 300 22.05 -23.44 9.55
CA THR B 300 22.39 -22.56 10.65
C THR B 300 23.68 -21.81 10.28
N GLY B 301 23.99 -20.79 11.06
CA GLY B 301 25.19 -20.03 10.82
C GLY B 301 24.98 -18.90 9.83
N ASP B 302 26.12 -18.37 9.38
CA ASP B 302 26.18 -17.10 8.66
C ASP B 302 26.36 -17.38 7.17
N VAL B 303 25.25 -17.73 6.51
CA VAL B 303 25.26 -18.07 5.09
C VAL B 303 25.11 -16.79 4.27
N ALA B 304 25.67 -16.81 3.06
CA ALA B 304 25.56 -15.69 2.15
C ALA B 304 24.31 -15.74 1.29
N ASP B 305 23.64 -16.88 1.21
CA ASP B 305 22.44 -17.02 0.41
C ASP B 305 21.67 -18.21 0.94
N LEU B 306 20.49 -18.45 0.36
CA LEU B 306 19.62 -19.52 0.83
C LEU B 306 19.02 -20.24 -0.36
N PHE B 307 18.68 -21.50 -0.13
CA PHE B 307 17.85 -22.18 -1.12
C PHE B 307 16.50 -21.48 -1.22
N TRP B 308 15.87 -21.59 -2.38
CA TRP B 308 14.74 -20.72 -2.72
C TRP B 308 13.63 -20.82 -1.67
N GLY B 309 13.38 -22.01 -1.13
CA GLY B 309 12.28 -22.16 -0.20
C GLY B 309 12.54 -21.45 1.11
N ASP B 310 13.80 -21.46 1.56
CA ASP B 310 14.15 -20.74 2.78
C ASP B 310 14.11 -19.23 2.56
N LEU B 311 14.54 -18.77 1.38
CA LEU B 311 14.47 -17.34 1.09
C LEU B 311 13.03 -16.87 1.04
N ASP B 312 12.15 -17.65 0.39
CA ASP B 312 10.72 -17.37 0.39
C ASP B 312 10.17 -17.33 1.81
N MET B 313 10.52 -18.34 2.62
CA MET B 313 10.01 -18.38 3.99
C MET B 313 10.47 -17.17 4.79
N THR B 314 11.72 -16.72 4.57
CA THR B 314 12.23 -15.56 5.29
C THR B 314 11.42 -14.31 4.96
N ALA B 315 11.18 -14.05 3.67
CA ALA B 315 10.34 -12.91 3.31
C ALA B 315 8.92 -13.08 3.81
N GLU B 316 8.40 -14.32 3.75
CA GLU B 316 7.04 -14.58 4.20
C GLU B 316 6.88 -14.23 5.67
N TYR B 317 7.87 -14.60 6.49
CA TYR B 317 7.74 -14.34 7.92
C TYR B 317 7.95 -12.87 8.29
N VAL B 318 8.72 -12.12 7.48
CA VAL B 318 8.72 -10.66 7.62
C VAL B 318 7.28 -10.14 7.55
N LEU B 319 6.56 -10.57 6.52
CA LEU B 319 5.18 -10.16 6.32
C LEU B 319 4.27 -10.61 7.46
N TRP B 320 4.30 -11.91 7.80
CA TRP B 320 3.35 -12.40 8.77
C TRP B 320 3.61 -11.84 10.17
N LEU B 321 4.88 -11.76 10.57
CA LEU B 321 5.17 -11.20 11.89
C LEU B 321 4.75 -9.74 11.95
N ASP B 322 4.95 -9.00 10.85
CA ASP B 322 4.48 -7.62 10.83
C ASP B 322 2.96 -7.53 10.94
N LEU B 323 2.25 -8.35 10.14
CA LEU B 323 0.79 -8.27 10.15
C LEU B 323 0.22 -8.76 11.47
N ILE B 324 0.77 -9.84 12.03
CA ILE B 324 0.34 -10.30 13.33
C ILE B 324 0.57 -9.21 14.38
N GLY B 325 1.78 -8.64 14.37
CA GLY B 325 2.11 -7.65 15.39
C GLY B 325 1.23 -6.43 15.35
N ARG B 326 0.98 -5.90 14.15
CA ARG B 326 0.18 -4.68 14.12
C ARG B 326 -1.28 -4.93 14.41
N ASN B 327 -1.83 -6.10 14.04
CA ASN B 327 -3.22 -6.39 14.38
C ASN B 327 -3.39 -6.71 15.86
N LEU B 328 -2.41 -7.37 16.48
CA LEU B 328 -2.49 -7.59 17.93
C LEU B 328 -2.34 -6.29 18.70
N ALA B 329 -1.44 -5.41 18.25
CA ALA B 329 -1.26 -4.14 18.93
C ALA B 329 -2.52 -3.29 18.84
N SER B 330 -3.11 -3.19 17.65
CA SER B 330 -4.32 -2.40 17.50
C SER B 330 -5.51 -3.07 18.18
N GLY B 331 -5.56 -4.40 18.17
CA GLY B 331 -6.62 -5.09 18.88
C GLY B 331 -6.62 -4.80 20.38
N GLU B 332 -5.42 -4.82 20.99
CA GLU B 332 -5.29 -4.46 22.40
C GLU B 332 -5.76 -3.03 22.65
N ARG B 333 -5.38 -2.09 21.78
CA ARG B 333 -5.85 -0.72 21.92
C ARG B 333 -7.37 -0.64 21.82
N VAL B 334 -7.97 -1.36 20.86
CA VAL B 334 -9.40 -1.25 20.62
C VAL B 334 -10.20 -1.93 21.72
N TRP B 335 -9.73 -3.08 22.21
CA TRP B 335 -10.55 -3.92 23.08
C TRP B 335 -10.19 -3.82 24.55
N ALA B 336 -9.13 -3.11 24.91
CA ALA B 336 -8.74 -3.02 26.31
C ALA B 336 -8.53 -1.57 26.71
#